data_1S76
#
_entry.id   1S76
#
_cell.length_a   138.72
_cell.length_b   143.32
_cell.length_c   146.65
_cell.angle_alpha   90.0
_cell.angle_beta   90.0
_cell.angle_gamma   90.0
#
_symmetry.space_group_name_H-M   'C 2 2 21'
#
loop_
_entity.id
_entity.type
_entity.pdbx_description
1 polymer "DNA (5'-D(P*GP*CP*CP*GP*TP*GP*CP*GP*CP*AP*TP*TP*CP*GP*CP*CP*GP*TP*GP*TP*T)-3')"
2 polymer "DNA (5'-D(P*TP*TP*TP*AP*CP*GP*TP*TP*GP*CP*GP*CP*AP*CP*GP*GP*C)-3')"
3 polymer "RNA (5'-R(P*AP*CP*AP*CP*GP*GP*CP*GP*A)-3')"
4 polymer 'DNA-directed RNA polymerase'
5 non-polymer 'DIPHOSPHOMETHYLPHOSPHONIC ACID ADENOSYL ESTER'
6 non-polymer 'MAGNESIUM ION'
#
loop_
_entity_poly.entity_id
_entity_poly.type
_entity_poly.pdbx_seq_one_letter_code
_entity_poly.pdbx_strand_id
1 'polydeoxyribonucleotide'
;(DG)(DC)(DC)(DG)(DT)(DG)(DC)(DG)(DC)(DA)(DT)(DT)(DC)(DG)(DC)(DC)(DG)(DT)(DG)(DT)
(DT)
;
T
2 'polydeoxyribonucleotide' (DT)(DT)(DT)(DA)(DC)(DG)(DT)(DT)(DG)(DC)(DG)(DC)(DA)(DC)(DG)(DG)(DC) N
3 'polyribonucleotide' ACACGGCGA R
4 'polypeptide(L)'
;MNTINIAKNDFSDIELAAIPFNTLADHYGERLAREQLALEHESYEMGEARFRKMFERQLKAGEVADNAAAKPLITTLLPK
MIARINDWFEEVKAKRGKRPTAFQFLQEIKPEAVAYITIKTTLACLTSADNTTVQAVASAIGRAIEDEARFGRIRDLEAK
HFKKNVEEQLNKRVGHVYKKAFMQVVEADMLSKGLLGGEAWSSWHKEDSIHVGVRCIEMLIESTGMVSLHRQNAGVVGQD
SETIELAPEYAEAIATRAGALAGISPMFQPCVVPPKPWTGITGGGYWANGRRPLALVRTHSKKALMRYEDVYMPEVYKAI
NIAQNTAWKINKKVLAVANVITKWKHCPVEDIPAIEREELPMKPEDIDMNPEALTAWKRAAAAVYRKDKARKSRRISLEF
MLEQANKFANHKAIWFPYNMDWRGRVYAVSMFNPQGNDMTKGLLTLAKGKPIGKEGYYWLKIHGANCAGVDKVPFPERIK
FIEENHENIMACAKSPLENTWWAEQDSPFCFLAFCFEYAGVQHHGLSYNCSLPLAFDGSCSGIQHFSAMLRDEVGGRAVN
LLPSETVQDIYGIVAKKVNEILQADAINGTDNEVVTVTDENTGEISEKVKLGTKALAGQWLAYGVTRSVTKRSVMTLAYG
SKEFGFRQQVLEDTIQPAIDSGKGLMFTQPNQAAGYMAKLIWESVSVTVVAAVEAMNWLKSAAKLLAAEVKDKKTGEILR
KRCAVHWVTPDGFPVWQEYKKPIQTRLNLMFLGQFRLQPTINTNKDSEIDAHKQESGIAPNFVHSQDGSHLRKTVVWAHE
KYGIESFALIHDSFGTIPADAANLFKAVRETMVDTYESCDVLADFYDQFADQLHESQLDKMPALPAKGNLNLRDILESDF
AFA
;
D
#
loop_
_chem_comp.id
_chem_comp.type
_chem_comp.name
_chem_comp.formula
A RNA linking ADENOSINE-5'-MONOPHOSPHATE 'C10 H14 N5 O7 P'
APC non-polymer 'DIPHOSPHOMETHYLPHOSPHONIC ACID ADENOSYL ESTER' 'C11 H18 N5 O12 P3'
C RNA linking CYTIDINE-5'-MONOPHOSPHATE 'C9 H14 N3 O8 P'
DA DNA linking 2'-DEOXYADENOSINE-5'-MONOPHOSPHATE 'C10 H14 N5 O6 P'
DC DNA linking 2'-DEOXYCYTIDINE-5'-MONOPHOSPHATE 'C9 H14 N3 O7 P'
DG DNA linking 2'-DEOXYGUANOSINE-5'-MONOPHOSPHATE 'C10 H14 N5 O7 P'
DT DNA linking THYMIDINE-5'-MONOPHOSPHATE 'C10 H15 N2 O8 P'
G RNA linking GUANOSINE-5'-MONOPHOSPHATE 'C10 H14 N5 O8 P'
MG non-polymer 'MAGNESIUM ION' 'Mg 2'
#
# COMPACT_ATOMS: atom_id res chain seq x y z
N SER D 12 13.17 29.61 -10.78
CA SER D 12 12.84 30.10 -12.16
C SER D 12 11.41 30.62 -12.25
N ASP D 13 10.65 30.45 -11.18
CA ASP D 13 9.27 30.90 -11.14
C ASP D 13 8.91 31.50 -9.78
N ILE D 14 8.48 32.75 -9.77
CA ILE D 14 8.10 33.42 -8.52
C ILE D 14 6.61 33.67 -8.45
N GLU D 15 6.13 33.98 -7.25
CA GLU D 15 4.72 34.25 -7.00
C GLU D 15 4.15 35.26 -8.00
N LEU D 16 3.62 34.74 -9.10
CA LEU D 16 3.05 35.57 -10.16
C LEU D 16 2.49 34.63 -11.23
N ALA D 17 3.10 33.46 -11.35
CA ALA D 17 2.66 32.48 -12.32
C ALA D 17 1.28 31.98 -11.89
N ALA D 18 0.24 32.66 -12.37
CA ALA D 18 -1.12 32.28 -12.03
C ALA D 18 -1.92 31.83 -13.24
N ILE D 19 -1.53 32.29 -14.42
CA ILE D 19 -2.22 31.92 -15.65
C ILE D 19 -1.38 30.98 -16.53
N PRO D 20 -1.63 29.67 -16.44
CA PRO D 20 -0.91 28.67 -17.23
C PRO D 20 -0.77 29.00 -18.72
N PHE D 21 -0.09 28.12 -19.43
CA PHE D 21 0.17 28.27 -20.87
C PHE D 21 1.02 29.50 -21.17
N ASN D 22 0.58 30.66 -20.68
CA ASN D 22 1.34 31.88 -20.91
C ASN D 22 2.69 31.73 -20.20
N THR D 23 2.64 31.15 -19.01
CA THR D 23 3.83 30.93 -18.20
C THR D 23 4.71 29.82 -18.77
N LEU D 24 4.08 28.73 -19.19
CA LEU D 24 4.81 27.59 -19.76
C LEU D 24 5.49 27.93 -21.09
N ALA D 25 4.70 28.47 -22.01
CA ALA D 25 5.20 28.85 -23.33
C ALA D 25 6.35 29.86 -23.30
N ASP D 26 6.13 31.00 -22.63
CA ASP D 26 7.15 32.04 -22.54
C ASP D 26 8.27 31.56 -21.61
N HIS D 27 8.30 30.25 -21.37
CA HIS D 27 9.28 29.63 -20.50
C HIS D 27 9.87 28.39 -21.15
N TYR D 28 9.00 27.61 -21.80
CA TYR D 28 9.43 26.38 -22.45
C TYR D 28 8.99 26.26 -23.91
N GLY D 29 8.43 27.34 -24.44
CA GLY D 29 7.94 27.31 -25.80
C GLY D 29 6.50 26.81 -25.78
N GLU D 30 5.63 27.45 -26.57
CA GLU D 30 4.23 27.04 -26.60
C GLU D 30 4.04 25.64 -27.17
N ARG D 31 5.08 25.07 -27.73
CA ARG D 31 4.98 23.74 -28.32
C ARG D 31 4.99 22.72 -27.18
N LEU D 32 5.79 22.98 -26.15
CA LEU D 32 5.86 22.09 -25.00
C LEU D 32 4.82 22.48 -23.96
N ALA D 33 4.46 23.76 -23.96
CA ALA D 33 3.45 24.23 -23.04
C ALA D 33 2.14 23.52 -23.36
N ARG D 34 1.84 23.43 -24.66
CA ARG D 34 0.63 22.77 -25.13
C ARG D 34 0.66 21.28 -24.80
N GLU D 35 1.77 20.62 -25.13
CA GLU D 35 1.88 19.19 -24.84
C GLU D 35 1.62 18.95 -23.35
N GLN D 36 2.34 19.67 -22.49
CA GLN D 36 2.15 19.51 -21.06
C GLN D 36 0.67 19.56 -20.74
N LEU D 37 0.05 20.72 -20.99
CA LEU D 37 -1.38 20.92 -20.75
C LEU D 37 -2.23 19.84 -21.42
N ALA D 38 -1.81 19.44 -22.63
CA ALA D 38 -2.55 18.41 -23.36
C ALA D 38 -2.55 17.17 -22.50
N LEU D 39 -1.41 16.86 -21.92
CA LEU D 39 -1.25 15.70 -21.06
C LEU D 39 -2.05 15.72 -19.75
N GLU D 40 -1.94 16.79 -18.98
CA GLU D 40 -2.66 16.85 -17.72
C GLU D 40 -4.13 16.54 -18.02
N HIS D 41 -4.65 17.20 -19.05
CA HIS D 41 -6.03 17.04 -19.47
C HIS D 41 -6.33 15.61 -19.87
N GLU D 42 -5.37 14.94 -20.50
CA GLU D 42 -5.59 13.56 -20.92
C GLU D 42 -5.64 12.69 -19.66
N SER D 43 -4.75 12.97 -18.72
CA SER D 43 -4.73 12.22 -17.46
C SER D 43 -6.15 12.25 -16.87
N TYR D 44 -6.76 13.43 -16.93
CA TYR D 44 -8.11 13.66 -16.45
C TYR D 44 -9.11 12.88 -17.31
N GLU D 45 -8.83 12.84 -18.61
CA GLU D 45 -9.67 12.13 -19.57
C GLU D 45 -9.63 10.61 -19.34
N MET D 46 -8.42 10.06 -19.30
CA MET D 46 -8.25 8.62 -19.07
C MET D 46 -8.88 8.27 -17.74
N GLY D 47 -8.80 9.18 -16.78
CA GLY D 47 -9.39 8.93 -15.48
C GLY D 47 -10.87 8.64 -15.63
N GLU D 48 -11.65 9.66 -16.01
CA GLU D 48 -13.08 9.50 -16.23
C GLU D 48 -13.37 8.29 -17.11
N ALA D 49 -12.50 8.03 -18.08
CA ALA D 49 -12.71 6.88 -18.93
C ALA D 49 -12.70 5.63 -18.06
N ARG D 50 -11.62 5.48 -17.29
CA ARG D 50 -11.47 4.33 -16.41
C ARG D 50 -12.65 4.24 -15.44
N PHE D 51 -13.19 5.41 -15.08
CA PHE D 51 -14.32 5.46 -14.18
C PHE D 51 -15.50 4.86 -14.91
N ARG D 52 -15.96 5.56 -15.94
CA ARG D 52 -17.12 5.12 -16.73
C ARG D 52 -17.11 3.62 -16.99
N LYS D 53 -16.03 3.13 -17.59
CA LYS D 53 -15.92 1.70 -17.89
C LYS D 53 -16.38 0.88 -16.68
N MET D 54 -15.94 1.27 -15.49
CA MET D 54 -16.29 0.57 -14.25
C MET D 54 -17.74 0.83 -13.84
N PHE D 55 -18.09 2.10 -13.72
CA PHE D 55 -19.45 2.50 -13.34
C PHE D 55 -20.46 1.80 -14.24
N GLU D 56 -19.97 1.25 -15.35
CA GLU D 56 -20.82 0.53 -16.30
C GLU D 56 -20.81 -0.96 -15.99
N ARG D 57 -19.62 -1.53 -15.82
CA ARG D 57 -19.52 -2.95 -15.54
C ARG D 57 -20.30 -3.29 -14.26
N GLN D 58 -20.47 -2.30 -13.40
CA GLN D 58 -21.21 -2.47 -12.15
C GLN D 58 -22.70 -2.27 -12.40
N LEU D 59 -23.00 -1.36 -13.32
CA LEU D 59 -24.39 -1.06 -13.68
C LEU D 59 -24.94 -2.30 -14.39
N LYS D 60 -24.20 -2.79 -15.38
CA LYS D 60 -24.57 -3.96 -16.15
C LYS D 60 -24.20 -5.21 -15.35
N ALA D 61 -24.28 -5.12 -14.04
CA ALA D 61 -23.97 -6.22 -13.15
C ALA D 61 -24.67 -6.05 -11.81
N GLY D 62 -25.76 -5.29 -11.83
CA GLY D 62 -26.51 -5.07 -10.60
C GLY D 62 -25.60 -4.86 -9.40
N GLU D 63 -24.94 -3.71 -9.36
CA GLU D 63 -24.05 -3.37 -8.25
C GLU D 63 -23.94 -1.85 -8.15
N VAL D 64 -24.96 -1.16 -8.64
CA VAL D 64 -24.98 0.30 -8.60
C VAL D 64 -24.85 0.78 -7.16
N ALA D 65 -25.52 0.07 -6.25
CA ALA D 65 -25.49 0.42 -4.83
C ALA D 65 -24.06 0.47 -4.30
N ASP D 66 -23.17 -0.27 -4.96
CA ASP D 66 -21.78 -0.31 -4.56
C ASP D 66 -21.01 0.91 -5.03
N ASN D 67 -21.41 1.48 -6.17
CA ASN D 67 -20.72 2.65 -6.70
C ASN D 67 -20.93 3.86 -5.78
N ALA D 68 -19.86 4.61 -5.54
CA ALA D 68 -19.90 5.77 -4.67
C ALA D 68 -20.97 6.78 -5.10
N ALA D 69 -21.35 6.75 -6.37
CA ALA D 69 -22.36 7.68 -6.90
C ALA D 69 -23.74 7.52 -6.26
N ALA D 70 -24.04 6.33 -5.77
CA ALA D 70 -25.33 6.08 -5.15
C ALA D 70 -25.27 6.28 -3.63
N LYS D 71 -24.15 5.91 -3.04
CA LYS D 71 -23.96 6.04 -1.59
C LYS D 71 -24.52 7.32 -0.98
N PRO D 72 -24.25 8.48 -1.61
CA PRO D 72 -24.76 9.74 -1.07
C PRO D 72 -26.28 9.74 -0.97
N LEU D 73 -26.91 8.90 -1.79
CA LEU D 73 -28.37 8.79 -1.80
C LEU D 73 -28.79 7.72 -0.79
N ILE D 74 -28.23 6.53 -0.92
CA ILE D 74 -28.53 5.42 -0.02
C ILE D 74 -28.57 5.92 1.42
N THR D 75 -27.49 6.57 1.84
CA THR D 75 -27.39 7.10 3.19
C THR D 75 -28.61 7.92 3.57
N THR D 76 -29.14 8.67 2.61
CA THR D 76 -30.30 9.52 2.85
C THR D 76 -31.64 8.79 2.86
N LEU D 77 -31.74 7.68 2.15
CA LEU D 77 -33.00 6.93 2.09
C LEU D 77 -33.01 5.70 3.00
N LEU D 78 -31.82 5.27 3.43
CA LEU D 78 -31.73 4.11 4.30
C LEU D 78 -32.44 4.35 5.63
N PRO D 79 -32.15 5.48 6.29
CA PRO D 79 -32.80 5.78 7.57
C PRO D 79 -34.32 5.91 7.42
N LYS D 80 -34.77 6.67 6.43
CA LYS D 80 -36.19 6.86 6.18
C LYS D 80 -36.92 5.53 6.07
N MET D 81 -36.29 4.57 5.40
CA MET D 81 -36.89 3.25 5.23
C MET D 81 -37.12 2.61 6.60
N ILE D 82 -36.03 2.35 7.31
CA ILE D 82 -36.08 1.74 8.64
C ILE D 82 -36.93 2.57 9.57
N ALA D 83 -37.22 3.80 9.17
CA ALA D 83 -38.05 4.70 9.98
C ALA D 83 -39.51 4.56 9.56
N ARG D 84 -39.74 3.75 8.53
CA ARG D 84 -41.07 3.48 8.02
C ARG D 84 -41.34 2.00 8.23
N ILE D 85 -40.27 1.23 8.34
CA ILE D 85 -40.35 -0.21 8.56
C ILE D 85 -40.91 -0.50 9.95
N ASN D 86 -40.33 0.17 10.94
CA ASN D 86 -40.73 0.00 12.32
C ASN D 86 -42.16 0.50 12.53
N ASP D 87 -42.43 1.73 12.09
CA ASP D 87 -43.75 2.33 12.23
C ASP D 87 -44.84 1.40 11.74
N TRP D 88 -44.53 0.61 10.72
CA TRP D 88 -45.47 -0.34 10.15
C TRP D 88 -45.75 -1.38 11.21
N PHE D 89 -44.67 -1.97 11.74
CA PHE D 89 -44.79 -2.99 12.78
C PHE D 89 -45.74 -2.56 13.88
N GLU D 90 -45.31 -1.60 14.69
CA GLU D 90 -46.13 -1.11 15.79
C GLU D 90 -47.58 -0.92 15.33
N GLU D 91 -47.75 -0.44 14.11
CA GLU D 91 -49.08 -0.21 13.55
C GLU D 91 -49.79 -1.52 13.26
N VAL D 92 -49.01 -2.55 12.90
CA VAL D 92 -49.59 -3.85 12.62
C VAL D 92 -49.96 -4.48 13.96
N LYS D 93 -49.45 -3.89 15.03
CA LYS D 93 -49.73 -4.37 16.38
C LYS D 93 -51.05 -3.78 16.86
N ALA D 94 -51.37 -2.58 16.38
CA ALA D 94 -52.62 -1.92 16.75
C ALA D 94 -53.80 -2.70 16.18
N LYS D 95 -53.53 -3.44 15.12
CA LYS D 95 -54.54 -4.25 14.45
C LYS D 95 -54.96 -5.43 15.30
N ARG D 96 -56.23 -5.43 15.70
CA ARG D 96 -56.80 -6.51 16.52
C ARG D 96 -57.29 -7.65 15.63
N GLY D 97 -56.37 -8.37 15.00
CA GLY D 97 -56.78 -9.47 14.14
C GLY D 97 -55.63 -10.22 13.50
N LYS D 98 -55.70 -10.41 12.18
CA LYS D 98 -54.65 -11.11 11.46
C LYS D 98 -53.63 -10.14 10.86
N ARG D 99 -52.42 -10.63 10.68
CA ARG D 99 -51.32 -9.84 10.14
C ARG D 99 -50.87 -10.34 8.78
N PRO D 100 -50.62 -9.42 7.83
CA PRO D 100 -50.16 -9.78 6.48
C PRO D 100 -48.91 -10.66 6.54
N THR D 101 -48.83 -11.63 5.63
CA THR D 101 -47.70 -12.54 5.57
C THR D 101 -46.35 -11.83 5.50
N ALA D 102 -46.39 -10.53 5.22
CA ALA D 102 -45.16 -9.74 5.13
C ALA D 102 -44.52 -9.56 6.49
N PHE D 103 -45.33 -9.23 7.49
CA PHE D 103 -44.85 -9.04 8.87
C PHE D 103 -44.22 -10.34 9.38
N GLN D 104 -44.66 -11.47 8.83
CA GLN D 104 -44.15 -12.76 9.22
C GLN D 104 -42.74 -12.97 8.68
N PHE D 105 -42.62 -13.03 7.35
CA PHE D 105 -41.33 -13.22 6.70
C PHE D 105 -40.58 -11.90 6.53
N LEU D 106 -40.47 -11.15 7.62
CA LEU D 106 -39.77 -9.86 7.61
C LEU D 106 -39.31 -9.45 8.99
N GLN D 107 -39.87 -10.09 10.01
CA GLN D 107 -39.51 -9.78 11.40
C GLN D 107 -38.23 -10.55 11.74
N GLU D 108 -37.89 -11.52 10.89
CA GLU D 108 -36.71 -12.36 11.08
C GLU D 108 -35.39 -11.58 11.07
N ILE D 109 -35.03 -11.05 9.91
CA ILE D 109 -33.78 -10.29 9.78
C ILE D 109 -33.85 -8.88 10.40
N LYS D 110 -32.68 -8.32 10.67
CA LYS D 110 -32.57 -6.99 11.27
C LYS D 110 -33.27 -5.94 10.40
N PRO D 111 -33.94 -4.97 11.04
CA PRO D 111 -34.65 -3.91 10.29
C PRO D 111 -33.68 -3.05 9.49
N GLU D 112 -32.39 -3.34 9.63
CA GLU D 112 -31.35 -2.61 8.92
C GLU D 112 -31.14 -3.32 7.58
N ALA D 113 -30.88 -4.62 7.65
CA ALA D 113 -30.68 -5.43 6.46
C ALA D 113 -31.89 -5.28 5.56
N VAL D 114 -33.08 -5.42 6.15
CA VAL D 114 -34.33 -5.30 5.41
C VAL D 114 -34.29 -4.11 4.46
N ALA D 115 -34.29 -2.91 5.04
CA ALA D 115 -34.27 -1.68 4.26
C ALA D 115 -33.14 -1.65 3.25
N TYR D 116 -31.91 -1.88 3.69
CA TYR D 116 -30.76 -1.86 2.79
C TYR D 116 -30.94 -2.83 1.64
N ILE D 117 -31.21 -4.10 1.95
CA ILE D 117 -31.41 -5.12 0.93
C ILE D 117 -32.55 -4.69 0.01
N THR D 118 -33.40 -3.82 0.52
CA THR D 118 -34.52 -3.30 -0.26
C THR D 118 -33.92 -2.31 -1.24
N ILE D 119 -33.71 -1.08 -0.78
CA ILE D 119 -33.13 -0.02 -1.59
C ILE D 119 -32.05 -0.58 -2.51
N LYS D 120 -31.14 -1.35 -1.94
CA LYS D 120 -30.05 -1.94 -2.72
C LYS D 120 -30.59 -2.75 -3.90
N THR D 121 -31.24 -3.87 -3.60
CA THR D 121 -31.79 -4.74 -4.64
C THR D 121 -32.72 -4.00 -5.60
N THR D 122 -33.58 -3.12 -5.07
CA THR D 122 -34.52 -2.37 -5.90
C THR D 122 -33.80 -1.58 -6.99
N LEU D 123 -32.58 -1.14 -6.70
CA LEU D 123 -31.80 -0.39 -7.68
C LEU D 123 -31.02 -1.35 -8.57
N ALA D 124 -30.48 -2.39 -7.96
CA ALA D 124 -29.69 -3.41 -8.66
C ALA D 124 -30.37 -3.96 -9.92
N CYS D 125 -31.59 -4.46 -9.79
CA CYS D 125 -32.31 -5.03 -10.92
C CYS D 125 -33.22 -4.03 -11.63
N LEU D 126 -33.02 -2.74 -11.37
CA LEU D 126 -33.81 -1.69 -12.00
C LEU D 126 -32.83 -0.73 -12.68
N THR D 127 -31.63 -1.25 -12.92
CA THR D 127 -30.55 -0.51 -13.56
C THR D 127 -29.71 -1.55 -14.30
N SER D 128 -30.07 -2.81 -14.11
CA SER D 128 -29.39 -3.92 -14.74
C SER D 128 -30.06 -4.26 -16.06
N ALA D 129 -31.29 -4.76 -15.97
CA ALA D 129 -32.06 -5.12 -17.16
C ALA D 129 -33.21 -4.14 -17.37
N ASP D 130 -34.06 -4.43 -18.35
CA ASP D 130 -35.19 -3.56 -18.66
C ASP D 130 -36.53 -4.23 -18.34
N ASN D 131 -36.48 -5.36 -17.66
CA ASN D 131 -37.69 -6.08 -17.27
C ASN D 131 -37.89 -5.91 -15.77
N THR D 132 -37.94 -4.65 -15.34
CA THR D 132 -38.10 -4.31 -13.93
C THR D 132 -39.57 -4.26 -13.49
N THR D 133 -40.13 -5.43 -13.22
CA THR D 133 -41.53 -5.51 -12.80
C THR D 133 -41.67 -5.89 -11.33
N VAL D 134 -42.79 -5.52 -10.73
CA VAL D 134 -43.05 -5.82 -9.33
C VAL D 134 -42.79 -7.29 -9.03
N GLN D 135 -43.18 -8.15 -9.96
CA GLN D 135 -43.01 -9.58 -9.79
C GLN D 135 -41.54 -9.99 -9.75
N ALA D 136 -40.73 -9.37 -10.60
CA ALA D 136 -39.30 -9.68 -10.66
C ALA D 136 -38.53 -9.05 -9.49
N VAL D 137 -38.68 -7.74 -9.31
CA VAL D 137 -37.99 -7.04 -8.24
C VAL D 137 -38.34 -7.67 -6.90
N ALA D 138 -39.64 -7.78 -6.63
CA ALA D 138 -40.10 -8.37 -5.37
C ALA D 138 -39.52 -9.77 -5.18
N SER D 139 -39.66 -10.62 -6.21
CA SER D 139 -39.13 -11.97 -6.13
C SER D 139 -37.65 -11.89 -5.78
N ALA D 140 -36.98 -10.87 -6.33
CA ALA D 140 -35.56 -10.65 -6.08
C ALA D 140 -35.35 -10.26 -4.63
N ILE D 141 -36.08 -9.25 -4.16
CA ILE D 141 -35.97 -8.81 -2.77
C ILE D 141 -36.31 -9.97 -1.85
N GLY D 142 -37.28 -10.79 -2.28
CA GLY D 142 -37.70 -11.92 -1.48
C GLY D 142 -36.57 -12.91 -1.25
N ARG D 143 -35.89 -13.27 -2.33
CA ARG D 143 -34.77 -14.20 -2.24
C ARG D 143 -33.61 -13.46 -1.57
N ALA D 144 -33.66 -12.14 -1.65
CA ALA D 144 -32.63 -11.28 -1.06
C ALA D 144 -32.82 -11.18 0.45
N ILE D 145 -34.05 -10.97 0.87
CA ILE D 145 -34.38 -10.87 2.28
C ILE D 145 -34.25 -12.25 2.92
N GLU D 146 -34.65 -13.28 2.18
CA GLU D 146 -34.56 -14.64 2.69
C GLU D 146 -33.11 -15.09 2.80
N ASP D 147 -32.27 -14.62 1.87
CA ASP D 147 -30.85 -14.98 1.88
C ASP D 147 -30.15 -14.24 3.02
N GLU D 148 -30.83 -14.25 4.17
CA GLU D 148 -30.38 -13.62 5.40
C GLU D 148 -31.33 -14.14 6.48
N ALA D 149 -32.60 -13.78 6.35
CA ALA D 149 -33.66 -14.18 7.28
C ALA D 149 -33.18 -14.55 8.68
N ARG D 150 -32.28 -13.74 9.22
CA ARG D 150 -31.73 -13.93 10.55
C ARG D 150 -31.16 -15.32 10.80
N PHE D 151 -30.73 -16.01 9.74
CA PHE D 151 -30.14 -17.33 9.92
C PHE D 151 -28.68 -17.21 10.32
N GLY D 152 -28.36 -16.10 10.98
CA GLY D 152 -27.00 -15.86 11.43
C GLY D 152 -26.61 -16.85 12.51
N ARG D 153 -27.07 -18.09 12.33
CA ARG D 153 -26.83 -19.19 13.25
C ARG D 153 -25.40 -19.17 13.78
N ILE D 154 -24.47 -18.78 12.93
CA ILE D 154 -23.06 -18.73 13.29
C ILE D 154 -22.63 -17.30 13.62
N ARG D 155 -23.06 -16.34 12.82
CA ARG D 155 -22.72 -14.94 13.05
C ARG D 155 -23.23 -14.50 14.42
N ASP D 156 -24.37 -15.05 14.83
CA ASP D 156 -24.98 -14.74 16.12
C ASP D 156 -24.91 -15.96 17.04
N LEU D 157 -25.95 -16.13 17.87
CA LEU D 157 -26.02 -17.26 18.79
C LEU D 157 -24.70 -17.53 19.52
N GLU D 158 -23.85 -16.51 19.56
CA GLU D 158 -22.56 -16.63 20.22
C GLU D 158 -21.74 -17.79 19.62
N ALA D 159 -21.79 -17.91 18.30
CA ALA D 159 -21.08 -18.94 17.59
C ALA D 159 -19.89 -18.32 16.85
N LYS D 160 -18.87 -17.94 17.61
CA LYS D 160 -17.68 -17.32 17.06
C LYS D 160 -17.02 -18.12 15.95
N HIS D 161 -17.45 -19.37 15.78
CA HIS D 161 -16.90 -20.23 14.73
C HIS D 161 -16.94 -19.48 13.40
N PHE D 162 -17.83 -18.49 13.32
CA PHE D 162 -17.97 -17.68 12.13
C PHE D 162 -16.80 -16.70 12.05
N LYS D 163 -16.53 -16.00 13.15
CA LYS D 163 -15.44 -15.03 13.18
C LYS D 163 -14.08 -15.71 13.35
N LYS D 164 -13.89 -16.80 12.63
CA LYS D 164 -12.64 -17.54 12.68
C LYS D 164 -12.50 -18.55 11.54
N ASN D 165 -13.54 -19.33 11.30
CA ASN D 165 -13.49 -20.34 10.24
C ASN D 165 -14.63 -20.23 9.22
N VAL D 166 -15.49 -19.23 9.38
CA VAL D 166 -16.61 -19.04 8.46
C VAL D 166 -16.59 -17.64 7.85
N GLU D 167 -15.95 -16.71 8.55
CA GLU D 167 -15.85 -15.33 8.09
C GLU D 167 -14.52 -15.14 7.36
N GLU D 168 -13.49 -15.80 7.86
CA GLU D 168 -12.16 -15.72 7.28
C GLU D 168 -12.14 -16.19 5.84
N GLN D 169 -13.21 -16.86 5.42
CA GLN D 169 -13.29 -17.37 4.05
C GLN D 169 -14.24 -16.56 3.17
N LEU D 170 -15.43 -16.27 3.66
CA LEU D 170 -16.40 -15.51 2.88
C LEU D 170 -15.77 -14.23 2.35
N ASN D 171 -14.97 -13.59 3.18
CA ASN D 171 -14.29 -12.35 2.80
C ASN D 171 -13.20 -12.65 1.79
N LYS D 172 -12.95 -13.94 1.56
CA LYS D 172 -11.93 -14.37 0.61
C LYS D 172 -12.58 -14.66 -0.73
N ARG D 173 -13.57 -15.54 -0.74
CA ARG D 173 -14.30 -15.93 -1.94
C ARG D 173 -14.81 -14.72 -2.70
N VAL D 174 -14.41 -14.59 -3.97
CA VAL D 174 -14.85 -13.47 -4.79
C VAL D 174 -16.14 -13.78 -5.54
N GLY D 175 -16.94 -12.74 -5.78
CA GLY D 175 -18.19 -12.91 -6.51
C GLY D 175 -19.42 -13.19 -5.66
N HIS D 176 -20.50 -12.47 -5.94
CA HIS D 176 -21.76 -12.65 -5.21
C HIS D 176 -22.36 -14.00 -5.59
N VAL D 177 -21.70 -14.71 -6.49
CA VAL D 177 -22.17 -16.01 -6.93
C VAL D 177 -21.49 -17.11 -6.12
N TYR D 178 -20.20 -16.94 -5.87
CA TYR D 178 -19.43 -17.93 -5.11
C TYR D 178 -19.60 -17.78 -3.61
N LYS D 179 -20.11 -16.64 -3.16
CA LYS D 179 -20.33 -16.42 -1.73
C LYS D 179 -21.67 -17.04 -1.35
N LYS D 180 -22.60 -17.06 -2.30
CA LYS D 180 -23.92 -17.65 -2.09
C LYS D 180 -23.81 -19.14 -2.33
N ALA D 181 -22.74 -19.54 -3.02
CA ALA D 181 -22.51 -20.93 -3.33
C ALA D 181 -21.57 -21.57 -2.31
N PHE D 182 -20.45 -20.90 -2.01
CA PHE D 182 -19.50 -21.43 -1.05
C PHE D 182 -20.11 -21.44 0.35
N MET D 183 -21.12 -20.60 0.55
CA MET D 183 -21.80 -20.53 1.85
C MET D 183 -22.61 -21.81 2.03
N GLN D 184 -22.98 -22.44 0.92
CA GLN D 184 -23.75 -23.66 0.99
C GLN D 184 -22.88 -24.71 1.66
N VAL D 185 -21.57 -24.54 1.50
CA VAL D 185 -20.59 -25.45 2.08
C VAL D 185 -20.78 -25.47 3.59
N VAL D 186 -20.51 -24.33 4.24
CA VAL D 186 -20.64 -24.21 5.68
C VAL D 186 -21.97 -24.78 6.17
N GLU D 187 -23.03 -24.50 5.42
CA GLU D 187 -24.37 -24.97 5.77
C GLU D 187 -24.49 -26.48 5.76
N ALA D 188 -23.74 -27.14 4.88
CA ALA D 188 -23.77 -28.60 4.79
C ALA D 188 -23.62 -29.21 6.18
N ASP D 189 -22.48 -28.94 6.80
CA ASP D 189 -22.20 -29.46 8.14
C ASP D 189 -23.36 -29.12 9.08
N MET D 190 -23.75 -30.10 9.89
CA MET D 190 -24.86 -29.92 10.83
C MET D 190 -24.88 -28.60 11.60
N LEU D 191 -23.80 -28.30 12.32
CA LEU D 191 -23.73 -27.05 13.09
C LEU D 191 -24.91 -26.86 14.02
N SER D 192 -25.34 -27.93 14.68
CA SER D 192 -26.48 -27.89 15.59
C SER D 192 -27.72 -27.35 14.88
N LYS D 193 -28.86 -27.43 15.53
CA LYS D 193 -30.11 -26.94 14.93
C LYS D 193 -30.30 -27.69 13.61
N GLY D 194 -30.78 -26.97 12.59
CA GLY D 194 -30.97 -27.60 11.30
C GLY D 194 -32.30 -27.30 10.65
N ALA D 200 -32.41 -27.66 9.37
CA ALA D 200 -33.63 -27.44 8.60
C ALA D 200 -33.91 -25.97 8.39
N TRP D 201 -34.46 -25.65 7.23
CA TRP D 201 -34.81 -24.28 6.90
C TRP D 201 -36.01 -24.24 5.95
N SER D 202 -37.17 -23.86 6.48
CA SER D 202 -38.38 -23.77 5.68
C SER D 202 -38.22 -22.70 4.62
N SER D 203 -38.30 -23.11 3.36
CA SER D 203 -38.17 -22.20 2.24
C SER D 203 -39.37 -21.26 2.21
N TRP D 204 -39.10 -19.97 2.04
CA TRP D 204 -40.15 -18.97 2.00
C TRP D 204 -41.17 -19.20 0.90
N HIS D 205 -40.98 -20.27 0.13
CA HIS D 205 -41.88 -20.58 -0.97
C HIS D 205 -41.82 -19.46 -2.01
N LYS D 206 -41.91 -19.83 -3.28
CA LYS D 206 -41.83 -18.87 -4.38
C LYS D 206 -43.11 -18.03 -4.49
N GLU D 207 -43.92 -18.04 -3.44
CA GLU D 207 -45.17 -17.28 -3.42
C GLU D 207 -45.25 -16.30 -2.26
N ASP D 208 -44.44 -16.51 -1.23
CA ASP D 208 -44.42 -15.61 -0.07
C ASP D 208 -43.35 -14.56 -0.29
N SER D 209 -42.28 -14.95 -0.99
CA SER D 209 -41.18 -14.06 -1.28
C SER D 209 -41.67 -12.80 -2.00
N ILE D 210 -42.42 -13.00 -3.07
CA ILE D 210 -42.95 -11.88 -3.83
C ILE D 210 -43.66 -10.90 -2.89
N HIS D 211 -44.55 -11.43 -2.06
CA HIS D 211 -45.28 -10.60 -1.11
C HIS D 211 -44.28 -9.92 -0.17
N VAL D 212 -43.28 -10.68 0.28
CA VAL D 212 -42.27 -10.13 1.16
C VAL D 212 -41.68 -8.90 0.49
N GLY D 213 -41.48 -9.00 -0.82
CA GLY D 213 -40.93 -7.89 -1.58
C GLY D 213 -41.96 -6.80 -1.77
N VAL D 214 -43.21 -7.20 -2.02
CA VAL D 214 -44.30 -6.25 -2.23
C VAL D 214 -44.32 -5.20 -1.14
N ARG D 215 -44.47 -5.64 0.10
CA ARG D 215 -44.48 -4.73 1.24
C ARG D 215 -43.21 -3.90 1.19
N CYS D 216 -42.08 -4.56 0.94
CA CYS D 216 -40.79 -3.88 0.85
C CYS D 216 -40.79 -2.87 -0.27
N ILE D 217 -41.42 -3.23 -1.39
CA ILE D 217 -41.53 -2.33 -2.54
C ILE D 217 -42.23 -1.09 -2.01
N GLU D 218 -43.23 -1.33 -1.19
CA GLU D 218 -43.99 -0.26 -0.56
C GLU D 218 -43.11 0.15 0.60
N MET D 219 -43.55 1.12 1.40
CA MET D 219 -42.75 1.60 2.53
C MET D 219 -41.61 2.40 1.93
N LEU D 220 -41.05 1.90 0.84
CA LEU D 220 -39.96 2.56 0.13
C LEU D 220 -40.64 3.68 -0.63
N ILE D 221 -41.83 3.39 -1.13
CA ILE D 221 -42.63 4.37 -1.86
C ILE D 221 -43.27 5.24 -0.80
N GLU D 222 -43.59 4.60 0.33
CA GLU D 222 -44.23 5.27 1.46
C GLU D 222 -43.30 6.27 2.15
N SER D 223 -41.99 6.03 2.03
CA SER D 223 -41.01 6.90 2.68
C SER D 223 -40.08 7.62 1.71
N THR D 224 -39.13 6.89 1.14
CA THR D 224 -38.15 7.48 0.23
C THR D 224 -38.79 8.04 -1.05
N GLY D 225 -39.83 7.39 -1.54
CA GLY D 225 -40.48 7.86 -2.76
C GLY D 225 -39.57 7.62 -3.94
N MET D 226 -38.46 6.93 -3.68
CA MET D 226 -37.47 6.61 -4.70
C MET D 226 -38.14 6.04 -5.94
N VAL D 227 -38.35 4.73 -5.94
CA VAL D 227 -38.98 4.05 -7.07
C VAL D 227 -40.39 4.57 -7.32
N SER D 228 -40.86 4.42 -8.56
CA SER D 228 -42.18 4.86 -8.96
C SER D 228 -42.84 3.73 -9.75
N LEU D 229 -44.17 3.68 -9.72
CA LEU D 229 -44.89 2.63 -10.43
C LEU D 229 -45.70 3.17 -11.60
N HIS D 230 -45.32 2.75 -12.81
CA HIS D 230 -45.98 3.15 -14.04
C HIS D 230 -47.43 2.69 -14.11
N ARG D 231 -47.98 2.73 -15.31
CA ARG D 231 -49.36 2.32 -15.57
C ARG D 231 -49.49 1.93 -17.04
N GLN D 232 -48.44 1.33 -17.57
CA GLN D 232 -48.40 0.89 -18.97
C GLN D 232 -49.55 -0.03 -19.31
N SER D 241 -48.90 -7.26 -11.97
CA SER D 241 -48.02 -7.00 -13.09
C SER D 241 -47.86 -5.49 -13.32
N GLU D 242 -46.69 -4.97 -13.03
CA GLU D 242 -46.41 -3.54 -13.19
C GLU D 242 -44.93 -3.22 -13.14
N THR D 243 -44.47 -2.44 -14.10
CA THR D 243 -43.06 -2.05 -14.20
C THR D 243 -42.61 -1.09 -13.11
N ILE D 244 -41.31 -1.11 -12.80
CA ILE D 244 -40.74 -0.26 -11.76
C ILE D 244 -39.77 0.74 -12.36
N GLU D 245 -39.83 1.98 -11.87
CA GLU D 245 -38.93 3.03 -12.37
C GLU D 245 -38.24 3.82 -11.27
N LEU D 246 -37.52 4.87 -11.67
CA LEU D 246 -36.79 5.74 -10.75
C LEU D 246 -37.16 7.20 -10.97
N ALA D 247 -37.35 7.93 -9.88
CA ALA D 247 -37.71 9.35 -9.95
C ALA D 247 -36.69 10.20 -10.73
N PRO D 248 -37.16 11.19 -11.50
CA PRO D 248 -36.32 12.08 -12.29
C PRO D 248 -35.26 12.80 -11.47
N GLU D 249 -35.36 12.69 -10.14
CA GLU D 249 -34.39 13.33 -9.28
C GLU D 249 -33.47 12.31 -8.60
N TYR D 250 -34.03 11.15 -8.29
CA TYR D 250 -33.26 10.11 -7.64
C TYR D 250 -32.63 9.18 -8.67
N ALA D 251 -32.59 9.64 -9.91
CA ALA D 251 -32.00 8.89 -11.01
C ALA D 251 -30.87 9.75 -11.60
N GLU D 252 -31.25 11.17 -11.66
CA GLU D 252 -30.35 12.15 -12.21
C GLU D 252 -29.23 12.36 -11.23
N ALA D 253 -29.52 12.11 -10.02
CA ALA D 253 -28.61 12.31 -8.89
C ALA D 253 -27.43 11.35 -8.87
N ILE D 254 -27.68 10.06 -9.15
CA ILE D 254 -26.60 9.09 -9.16
C ILE D 254 -25.80 9.27 -10.44
N ALA D 255 -26.43 9.89 -11.44
CA ALA D 255 -25.78 10.16 -12.72
C ALA D 255 -25.02 11.47 -12.61
N THR D 256 -25.44 12.30 -11.65
CA THR D 256 -24.80 13.59 -11.39
C THR D 256 -23.57 13.29 -10.54
N ARG D 257 -23.81 12.56 -9.45
CA ARG D 257 -22.75 12.17 -8.53
C ARG D 257 -21.64 11.49 -9.32
N ALA D 258 -22.04 10.74 -10.35
CA ALA D 258 -21.07 10.05 -11.19
C ALA D 258 -20.17 11.08 -11.85
N GLY D 259 -20.74 11.86 -12.75
CA GLY D 259 -19.98 12.89 -13.42
C GLY D 259 -19.02 13.56 -12.44
N ALA D 260 -19.53 13.82 -11.24
CA ALA D 260 -18.72 14.43 -10.20
C ALA D 260 -17.49 13.55 -10.02
N LEU D 261 -17.69 12.41 -9.38
CA LEU D 261 -16.64 11.45 -9.11
C LEU D 261 -15.70 11.25 -10.30
N ALA D 262 -16.30 10.99 -11.47
CA ALA D 262 -15.54 10.75 -12.70
C ALA D 262 -14.28 11.61 -12.87
N GLY D 263 -14.41 12.91 -12.63
CA GLY D 263 -13.26 13.78 -12.80
C GLY D 263 -12.49 14.16 -11.55
N ILE D 264 -12.17 13.18 -10.71
CA ILE D 264 -11.41 13.45 -9.50
C ILE D 264 -10.46 12.29 -9.20
N SER D 265 -10.18 11.50 -10.24
CA SER D 265 -9.29 10.36 -10.11
C SER D 265 -8.52 10.21 -11.41
N PRO D 266 -7.75 11.25 -11.80
CA PRO D 266 -6.98 11.18 -13.04
C PRO D 266 -5.78 10.25 -13.01
N MET D 267 -5.54 9.59 -14.14
CA MET D 267 -4.39 8.70 -14.27
C MET D 267 -3.17 9.59 -14.57
N PHE D 268 -2.63 10.21 -13.53
CA PHE D 268 -1.48 11.11 -13.65
C PHE D 268 -0.32 10.50 -14.42
N GLN D 269 0.22 11.26 -15.36
CA GLN D 269 1.35 10.82 -16.18
C GLN D 269 2.50 11.78 -15.93
N PRO D 270 3.73 11.40 -16.33
CA PRO D 270 4.84 12.32 -16.11
C PRO D 270 4.68 13.64 -16.87
N CYS D 271 5.63 14.56 -16.69
CA CYS D 271 5.60 15.87 -17.33
C CYS D 271 6.61 16.02 -18.46
N VAL D 272 6.29 16.89 -19.43
CA VAL D 272 7.20 17.14 -20.55
C VAL D 272 8.08 18.35 -20.29
N VAL D 273 7.82 19.01 -19.16
CA VAL D 273 8.58 20.17 -18.73
C VAL D 273 8.73 20.05 -17.20
N PRO D 274 9.69 20.77 -16.60
CA PRO D 274 9.82 20.64 -15.15
C PRO D 274 8.48 20.85 -14.43
N PRO D 275 8.25 20.08 -13.35
CA PRO D 275 6.99 20.22 -12.61
C PRO D 275 6.85 21.66 -12.08
N LYS D 276 5.63 22.04 -11.72
CA LYS D 276 5.37 23.36 -11.17
C LYS D 276 5.89 23.33 -9.73
N PRO D 277 6.78 24.27 -9.37
CA PRO D 277 7.33 24.31 -8.01
C PRO D 277 6.25 24.45 -6.94
N TRP D 278 6.46 23.83 -5.79
CA TRP D 278 5.50 23.93 -4.71
C TRP D 278 5.74 25.17 -3.87
N THR D 279 4.70 25.93 -3.62
CA THR D 279 4.81 27.15 -2.82
C THR D 279 3.73 27.19 -1.76
N GLY D 280 3.00 26.08 -1.64
CA GLY D 280 1.93 26.01 -0.67
C GLY D 280 1.44 24.56 -0.62
N ILE D 281 0.62 24.25 0.38
CA ILE D 281 0.11 22.88 0.54
C ILE D 281 -0.65 22.39 -0.69
N THR D 282 -0.91 23.28 -1.64
CA THR D 282 -1.63 22.87 -2.85
C THR D 282 -1.20 23.62 -4.11
N GLY D 283 -1.35 22.96 -5.25
CA GLY D 283 -1.03 23.56 -6.53
C GLY D 283 0.31 23.18 -7.12
N GLY D 284 0.96 22.15 -6.56
CA GLY D 284 2.26 21.75 -7.07
C GLY D 284 2.21 20.60 -8.05
N GLY D 285 3.33 20.37 -8.74
CA GLY D 285 3.38 19.29 -9.70
C GLY D 285 2.92 19.69 -11.09
N TYR D 286 1.63 19.55 -11.35
CA TYR D 286 1.07 19.91 -12.65
C TYR D 286 0.70 21.36 -12.71
N TRP D 287 0.70 21.91 -13.92
CA TRP D 287 0.41 23.32 -14.12
C TRP D 287 -1.05 23.69 -14.30
N ALA D 288 -1.80 22.81 -14.96
CA ALA D 288 -3.21 23.11 -15.18
C ALA D 288 -3.92 23.36 -13.85
N ASN D 289 -4.50 24.56 -13.71
CA ASN D 289 -5.22 24.92 -12.50
C ASN D 289 -6.63 24.38 -12.59
N GLY D 290 -6.84 23.21 -12.00
CA GLY D 290 -8.15 22.61 -12.00
C GLY D 290 -8.78 22.76 -10.63
N ARG D 291 -9.98 22.28 -10.61
CA ARG D 291 -10.81 22.38 -9.42
C ARG D 291 -10.25 21.50 -8.30
N ARG D 292 -9.58 20.41 -8.66
CA ARG D 292 -8.99 19.50 -7.68
C ARG D 292 -7.47 19.56 -7.85
N PRO D 293 -6.81 20.49 -7.43
CA PRO D 293 -5.35 20.61 -7.50
C PRO D 293 -4.63 19.51 -6.73
N LEU D 294 -3.31 19.51 -6.82
CA LEU D 294 -2.48 18.51 -6.14
C LEU D 294 -2.19 19.01 -4.71
N ALA D 295 -2.12 18.10 -3.75
CA ALA D 295 -1.83 18.50 -2.38
C ALA D 295 -0.45 17.99 -2.01
N LEU D 296 0.28 18.77 -1.22
CA LEU D 296 1.64 18.39 -0.82
C LEU D 296 1.70 17.17 0.09
N VAL D 297 0.73 17.05 0.98
CA VAL D 297 0.67 15.92 1.89
C VAL D 297 -0.55 15.10 1.54
N ARG D 298 -0.34 13.79 1.33
CA ARG D 298 -1.45 12.91 0.99
C ARG D 298 -2.20 12.61 2.28
N THR D 299 -3.04 13.56 2.67
CA THR D 299 -3.86 13.45 3.86
C THR D 299 -5.22 12.88 3.51
N HIS D 300 -5.98 12.49 4.54
CA HIS D 300 -7.31 11.94 4.32
C HIS D 300 -8.36 13.03 4.54
N SER D 301 -8.24 13.78 5.63
CA SER D 301 -9.20 14.85 5.91
C SER D 301 -8.66 16.19 5.42
N LYS D 302 -9.51 16.99 4.76
CA LYS D 302 -9.09 18.29 4.27
C LYS D 302 -8.53 19.06 5.46
N LYS D 303 -9.10 18.78 6.63
CA LYS D 303 -8.66 19.40 7.88
C LYS D 303 -7.18 19.08 8.11
N ALA D 304 -6.81 17.83 7.84
CA ALA D 304 -5.45 17.36 8.04
C ALA D 304 -4.48 18.14 7.17
N LEU D 305 -4.91 18.42 5.95
CA LEU D 305 -4.08 19.15 4.98
C LEU D 305 -3.95 20.63 5.36
N MET D 306 -5.07 21.26 5.69
CA MET D 306 -5.05 22.66 6.06
C MET D 306 -4.16 22.87 7.28
N ARG D 307 -3.86 21.79 7.99
CA ARG D 307 -3.00 21.87 9.17
C ARG D 307 -1.61 22.33 8.75
N TYR D 308 -1.32 22.20 7.45
CA TYR D 308 -0.02 22.61 6.89
C TYR D 308 -0.13 24.00 6.29
N GLU D 309 -1.38 24.43 6.09
CA GLU D 309 -1.69 25.75 5.52
C GLU D 309 -0.65 26.82 5.82
N ASP D 310 -0.27 26.96 7.09
CA ASP D 310 0.69 27.98 7.47
C ASP D 310 1.99 27.52 8.14
N VAL D 311 2.29 26.23 8.12
CA VAL D 311 3.53 25.78 8.75
C VAL D 311 4.73 26.20 7.91
N TYR D 312 5.73 26.79 8.55
CA TYR D 312 6.94 27.23 7.86
C TYR D 312 7.90 26.06 7.84
N MET D 313 8.20 25.56 6.65
CA MET D 313 9.09 24.41 6.48
C MET D 313 9.82 24.49 5.14
N PRO D 314 10.59 25.59 4.93
CA PRO D 314 11.35 25.84 3.71
C PRO D 314 12.20 24.68 3.17
N GLU D 315 12.96 24.02 4.04
CA GLU D 315 13.81 22.91 3.64
C GLU D 315 12.99 21.75 3.06
N VAL D 316 11.77 21.58 3.55
CA VAL D 316 10.90 20.51 3.05
C VAL D 316 10.48 20.87 1.63
N TYR D 317 9.99 22.10 1.47
CA TYR D 317 9.57 22.58 0.16
C TYR D 317 10.68 22.51 -0.86
N LYS D 318 11.92 22.58 -0.40
CA LYS D 318 13.07 22.52 -1.30
C LYS D 318 13.40 21.10 -1.73
N ALA D 319 13.33 20.15 -0.81
CA ALA D 319 13.63 18.78 -1.20
C ALA D 319 12.65 18.44 -2.32
N ILE D 320 11.36 18.52 -1.99
CA ILE D 320 10.30 18.20 -2.94
C ILE D 320 10.49 18.89 -4.29
N ASN D 321 10.79 20.19 -4.28
CA ASN D 321 10.99 20.92 -5.51
C ASN D 321 12.23 20.35 -6.23
N ILE D 322 13.41 20.51 -5.63
CA ILE D 322 14.64 20.00 -6.22
C ILE D 322 14.43 18.60 -6.81
N ALA D 323 13.91 17.71 -6.00
CA ALA D 323 13.73 16.33 -6.42
C ALA D 323 12.82 16.17 -7.65
N GLN D 324 11.81 17.03 -7.78
CA GLN D 324 10.93 16.90 -8.93
C GLN D 324 11.46 17.58 -10.18
N ASN D 325 12.54 18.36 -10.04
CA ASN D 325 13.15 19.02 -11.18
C ASN D 325 14.16 18.08 -11.83
N THR D 326 14.21 16.84 -11.37
CA THR D 326 15.13 15.87 -11.95
C THR D 326 14.59 15.43 -13.30
N ALA D 327 15.33 15.72 -14.35
CA ALA D 327 14.90 15.35 -15.69
C ALA D 327 15.28 13.91 -16.00
N TRP D 328 14.27 13.11 -16.32
CA TRP D 328 14.44 11.70 -16.65
C TRP D 328 14.14 11.51 -18.14
N LYS D 329 14.55 10.39 -18.70
CA LYS D 329 14.29 10.06 -20.08
C LYS D 329 14.20 8.54 -20.21
N ILE D 330 13.43 8.09 -21.20
CA ILE D 330 13.26 6.66 -21.42
C ILE D 330 14.61 6.13 -21.91
N ASN D 331 14.96 4.91 -21.51
CA ASN D 331 16.20 4.28 -21.93
C ASN D 331 15.83 3.46 -23.17
N LYS D 332 15.92 4.10 -24.34
CA LYS D 332 15.56 3.44 -25.59
C LYS D 332 16.10 2.01 -25.78
N LYS D 333 17.40 1.81 -25.60
CA LYS D 333 17.99 0.49 -25.76
C LYS D 333 17.31 -0.52 -24.84
N VAL D 334 17.09 -0.14 -23.58
CA VAL D 334 16.43 -1.03 -22.62
C VAL D 334 14.96 -1.23 -23.03
N LEU D 335 14.37 -0.21 -23.65
CA LEU D 335 12.98 -0.29 -24.11
C LEU D 335 12.90 -1.33 -25.24
N ALA D 336 13.83 -1.24 -26.18
CA ALA D 336 13.88 -2.17 -27.30
C ALA D 336 13.78 -3.62 -26.83
N VAL D 337 14.63 -3.99 -25.88
CA VAL D 337 14.62 -5.35 -25.35
C VAL D 337 13.26 -5.64 -24.72
N ALA D 338 12.97 -4.92 -23.64
CA ALA D 338 11.73 -5.08 -22.89
C ALA D 338 10.47 -5.21 -23.77
N ASN D 339 10.30 -4.34 -24.76
CA ASN D 339 9.12 -4.39 -25.61
C ASN D 339 8.84 -5.77 -26.19
N VAL D 340 9.84 -6.36 -26.82
CA VAL D 340 9.69 -7.68 -27.43
C VAL D 340 9.85 -8.84 -26.45
N ILE D 341 10.85 -8.77 -25.58
CA ILE D 341 11.09 -9.85 -24.61
C ILE D 341 9.96 -10.12 -23.61
N THR D 342 9.00 -9.20 -23.50
CA THR D 342 7.89 -9.40 -22.57
C THR D 342 6.69 -10.01 -23.28
N LYS D 343 6.81 -10.22 -24.58
CA LYS D 343 5.73 -10.85 -25.32
C LYS D 343 6.07 -12.33 -25.35
N TRP D 344 7.36 -12.61 -25.47
CA TRP D 344 7.89 -13.96 -25.49
C TRP D 344 7.12 -15.04 -24.80
N LYS D 345 6.97 -16.18 -25.47
CA LYS D 345 6.27 -17.29 -24.87
C LYS D 345 6.99 -17.56 -23.56
N HIS D 346 8.27 -17.89 -23.66
CA HIS D 346 9.08 -18.18 -22.49
C HIS D 346 10.13 -17.10 -22.27
N CYS D 347 9.82 -16.14 -21.41
CA CYS D 347 10.76 -15.05 -21.13
C CYS D 347 11.91 -15.60 -20.28
N PRO D 348 13.14 -15.14 -20.55
CA PRO D 348 14.32 -15.59 -19.82
C PRO D 348 14.41 -14.93 -18.45
N VAL D 349 13.49 -14.01 -18.20
CA VAL D 349 13.45 -13.29 -16.94
C VAL D 349 12.31 -13.80 -16.08
N GLU D 350 12.57 -14.87 -15.33
CA GLU D 350 11.56 -15.45 -14.43
C GLU D 350 11.19 -14.41 -13.38
N ASP D 351 10.31 -13.51 -13.76
CA ASP D 351 9.85 -12.43 -12.88
C ASP D 351 8.68 -11.79 -13.62
N ILE D 352 8.81 -11.75 -14.94
CA ILE D 352 7.77 -11.20 -15.82
C ILE D 352 6.58 -12.15 -15.95
N PRO D 353 5.37 -11.58 -16.03
CA PRO D 353 4.14 -12.38 -16.17
C PRO D 353 3.91 -12.79 -17.62
N ALA D 354 3.63 -14.07 -17.83
CA ALA D 354 3.40 -14.61 -19.17
C ALA D 354 2.17 -13.98 -19.82
N ILE D 355 2.00 -14.22 -21.11
CA ILE D 355 0.86 -13.68 -21.85
C ILE D 355 -0.36 -14.56 -21.64
N GLU D 356 -0.14 -15.85 -21.44
CA GLU D 356 -1.24 -16.78 -21.24
C GLU D 356 -1.34 -17.39 -19.85
N ARG D 357 -2.46 -18.06 -19.63
CA ARG D 357 -2.79 -18.72 -18.36
C ARG D 357 -1.76 -19.77 -17.98
N GLU D 358 -2.04 -20.48 -16.89
CA GLU D 358 -1.14 -21.53 -16.40
C GLU D 358 -1.74 -22.90 -16.71
N GLU D 359 -2.24 -23.08 -17.93
CA GLU D 359 -2.87 -24.34 -18.29
C GLU D 359 -3.97 -24.57 -17.30
N LEU D 360 -4.01 -25.79 -16.80
CA LEU D 360 -4.99 -26.24 -15.78
C LEU D 360 -4.60 -27.59 -15.24
N PRO D 361 -4.08 -28.49 -16.10
CA PRO D 361 -3.69 -29.83 -15.57
C PRO D 361 -2.53 -29.85 -14.54
N MET D 362 -2.45 -30.86 -13.66
CA MET D 362 -1.41 -30.93 -12.62
C MET D 362 -1.68 -29.95 -11.41
N THR D 375 -7.54 -34.79 -2.93
CA THR D 375 -8.89 -34.93 -3.47
C THR D 375 -8.84 -34.58 -4.96
N ALA D 376 -8.78 -35.60 -5.80
CA ALA D 376 -8.71 -35.40 -7.24
C ALA D 376 -7.48 -34.61 -7.62
N TRP D 377 -7.20 -34.61 -8.92
CA TRP D 377 -6.06 -33.90 -9.47
C TRP D 377 -6.14 -32.44 -9.06
N LYS D 378 -7.36 -31.90 -9.12
CA LYS D 378 -7.61 -30.51 -8.75
C LYS D 378 -7.00 -30.13 -7.40
N ARG D 379 -6.84 -31.12 -6.52
CA ARG D 379 -6.28 -30.89 -5.19
C ARG D 379 -4.96 -30.10 -5.25
N ALA D 380 -4.08 -30.48 -6.17
CA ALA D 380 -2.80 -29.81 -6.32
C ALA D 380 -2.89 -28.63 -7.26
N ALA D 381 -3.78 -28.72 -8.24
CA ALA D 381 -3.96 -27.65 -9.21
C ALA D 381 -5.08 -26.69 -8.82
N ALA D 382 -5.13 -26.34 -7.54
CA ALA D 382 -6.14 -25.42 -7.04
C ALA D 382 -5.60 -23.99 -7.04
N ALA D 383 -4.33 -23.86 -6.68
CA ALA D 383 -3.68 -22.55 -6.63
C ALA D 383 -3.60 -21.93 -8.02
N VAL D 384 -3.63 -22.78 -9.04
CA VAL D 384 -3.57 -22.32 -10.42
C VAL D 384 -4.44 -21.09 -10.61
N TYR D 385 -5.69 -21.18 -10.17
CA TYR D 385 -6.64 -20.08 -10.29
C TYR D 385 -6.09 -18.77 -9.74
N ARG D 386 -5.97 -18.69 -8.42
CA ARG D 386 -5.47 -17.48 -7.77
C ARG D 386 -4.10 -17.03 -8.26
N LYS D 387 -3.25 -17.99 -8.63
CA LYS D 387 -1.91 -17.68 -9.11
C LYS D 387 -1.97 -16.98 -10.46
N ASP D 388 -3.06 -17.21 -11.19
CA ASP D 388 -3.23 -16.58 -12.49
C ASP D 388 -3.85 -15.19 -12.28
N LYS D 389 -4.54 -15.03 -11.15
CA LYS D 389 -5.17 -13.75 -10.82
C LYS D 389 -4.05 -12.74 -10.57
N ALA D 390 -2.95 -13.23 -10.02
CA ALA D 390 -1.78 -12.42 -9.74
C ALA D 390 -1.11 -12.08 -11.06
N ARG D 391 -1.07 -13.07 -11.96
CA ARG D 391 -0.46 -12.89 -13.26
C ARG D 391 -1.20 -11.88 -14.14
N LYS D 392 -2.48 -12.10 -14.39
CA LYS D 392 -3.25 -11.20 -15.24
C LYS D 392 -3.22 -9.76 -14.70
N SER D 393 -3.23 -9.63 -13.38
CA SER D 393 -3.20 -8.33 -12.72
C SER D 393 -1.81 -7.72 -12.76
N ARG D 394 -0.79 -8.56 -12.60
CA ARG D 394 0.58 -8.10 -12.64
C ARG D 394 0.87 -7.74 -14.09
N ARG D 395 0.18 -8.42 -15.00
CA ARG D 395 0.36 -8.21 -16.43
C ARG D 395 -0.17 -6.85 -16.87
N ILE D 396 -1.25 -6.41 -16.22
CA ILE D 396 -1.87 -5.12 -16.55
C ILE D 396 -0.96 -3.93 -16.34
N SER D 397 -0.29 -3.87 -15.18
CA SER D 397 0.62 -2.77 -14.92
C SER D 397 1.84 -2.87 -15.84
N LEU D 398 2.31 -4.09 -16.05
CA LEU D 398 3.46 -4.31 -16.91
C LEU D 398 3.20 -3.63 -18.25
N GLU D 399 2.01 -3.87 -18.80
CA GLU D 399 1.59 -3.31 -20.08
C GLU D 399 1.34 -1.81 -20.01
N PHE D 400 0.91 -1.34 -18.84
CA PHE D 400 0.67 0.08 -18.70
C PHE D 400 2.01 0.80 -18.64
N MET D 401 2.97 0.20 -17.92
CA MET D 401 4.30 0.79 -17.78
C MET D 401 4.99 0.82 -19.13
N LEU D 402 4.81 -0.24 -19.91
CA LEU D 402 5.39 -0.32 -21.24
C LEU D 402 4.68 0.68 -22.15
N GLU D 403 3.40 0.93 -21.87
CA GLU D 403 2.64 1.89 -22.65
C GLU D 403 3.22 3.29 -22.43
N GLN D 404 3.44 3.66 -21.18
CA GLN D 404 4.01 4.95 -20.81
C GLN D 404 5.43 5.13 -21.35
N ALA D 405 6.25 4.09 -21.19
CA ALA D 405 7.63 4.15 -21.64
C ALA D 405 7.69 4.48 -23.13
N ASN D 406 7.05 3.64 -23.95
CA ASN D 406 7.02 3.84 -25.40
C ASN D 406 6.37 5.17 -25.73
N LYS D 407 5.33 5.52 -24.98
CA LYS D 407 4.63 6.77 -25.21
C LYS D 407 5.57 7.95 -25.02
N PHE D 408 6.44 7.86 -24.02
CA PHE D 408 7.37 8.94 -23.72
C PHE D 408 8.79 8.81 -24.27
N ALA D 409 9.03 7.78 -25.07
CA ALA D 409 10.36 7.63 -25.67
C ALA D 409 10.42 8.82 -26.62
N ASN D 410 11.62 9.19 -27.05
CA ASN D 410 11.84 10.30 -27.98
C ASN D 410 11.82 11.67 -27.33
N HIS D 411 11.11 11.82 -26.22
CA HIS D 411 11.08 13.12 -25.56
C HIS D 411 12.47 13.35 -25.03
N LYS D 412 12.98 14.56 -25.22
CA LYS D 412 14.32 14.88 -24.74
C LYS D 412 14.44 14.64 -23.23
N ALA D 413 13.30 14.64 -22.55
CA ALA D 413 13.27 14.46 -21.12
C ALA D 413 11.85 14.48 -20.55
N ILE D 414 11.71 13.93 -19.35
CA ILE D 414 10.41 13.91 -18.69
C ILE D 414 10.63 14.01 -17.19
N TRP D 415 9.65 14.58 -16.50
CA TRP D 415 9.73 14.76 -15.05
C TRP D 415 8.53 14.15 -14.35
N PHE D 416 8.68 14.02 -13.04
CA PHE D 416 7.65 13.46 -12.19
C PHE D 416 7.35 14.41 -11.05
N PRO D 417 6.08 14.80 -10.89
CA PRO D 417 5.77 15.71 -9.77
C PRO D 417 5.91 14.91 -8.49
N TYR D 418 6.22 15.56 -7.37
CA TYR D 418 6.35 14.82 -6.12
C TYR D 418 5.55 15.41 -4.95
N ASN D 419 5.13 14.56 -4.03
CA ASN D 419 4.40 15.00 -2.85
C ASN D 419 4.71 13.98 -1.75
N MET D 420 4.01 14.05 -0.61
CA MET D 420 4.28 13.13 0.49
C MET D 420 3.02 12.42 1.03
N ASP D 421 3.21 11.36 1.81
CA ASP D 421 2.09 10.58 2.31
C ASP D 421 1.44 11.02 3.62
N TRP D 422 2.18 11.76 4.43
CA TRP D 422 1.75 12.33 5.73
C TRP D 422 2.75 12.09 6.85
N ARG D 423 3.69 11.18 6.62
CA ARG D 423 4.75 10.92 7.57
C ARG D 423 5.87 11.75 6.97
N GLY D 424 5.62 12.18 5.74
CA GLY D 424 6.58 12.99 5.00
C GLY D 424 7.36 12.31 3.90
N ARG D 425 7.16 11.00 3.71
CA ARG D 425 7.90 10.29 2.67
C ARG D 425 7.49 10.75 1.28
N VAL D 426 8.51 10.87 0.41
CA VAL D 426 8.34 11.34 -0.96
C VAL D 426 7.90 10.27 -1.95
N TYR D 427 6.87 10.58 -2.74
CA TYR D 427 6.34 9.66 -3.75
C TYR D 427 6.17 10.40 -5.07
N ALA D 428 6.51 9.75 -6.17
CA ALA D 428 6.30 10.35 -7.48
C ALA D 428 4.78 10.31 -7.61
N VAL D 429 4.21 11.31 -8.27
CA VAL D 429 2.76 11.40 -8.41
C VAL D 429 2.13 10.48 -9.43
N SER D 430 2.73 10.37 -10.61
CA SER D 430 2.19 9.53 -11.67
C SER D 430 2.46 8.03 -11.50
N MET D 431 1.50 7.22 -11.93
CA MET D 431 1.56 5.77 -11.88
C MET D 431 2.89 5.24 -12.42
N PHE D 432 3.40 5.91 -13.45
CA PHE D 432 4.67 5.56 -14.07
C PHE D 432 5.69 6.49 -13.41
N ASN D 433 6.70 5.90 -12.76
CA ASN D 433 7.72 6.69 -12.06
C ASN D 433 8.98 5.92 -11.71
N PRO D 434 10.06 6.65 -11.42
CA PRO D 434 11.37 6.08 -11.06
C PRO D 434 11.34 5.32 -9.75
N GLN D 435 10.16 4.96 -9.30
CA GLN D 435 10.01 4.19 -8.06
C GLN D 435 9.37 2.83 -8.33
N GLY D 436 8.96 2.60 -9.58
CA GLY D 436 8.35 1.33 -9.94
C GLY D 436 9.29 0.13 -9.88
N ASN D 437 8.78 -1.04 -10.25
CA ASN D 437 9.55 -2.28 -10.23
C ASN D 437 10.82 -2.26 -11.08
N ASP D 438 11.41 -3.44 -11.25
CA ASP D 438 12.64 -3.61 -12.01
C ASP D 438 12.56 -3.07 -13.43
N MET D 439 11.64 -3.61 -14.21
CA MET D 439 11.47 -3.19 -15.58
C MET D 439 11.28 -1.68 -15.63
N THR D 440 10.44 -1.16 -14.74
CA THR D 440 10.16 0.28 -14.68
C THR D 440 11.48 1.03 -14.54
N LYS D 441 12.15 0.86 -13.41
CA LYS D 441 13.43 1.53 -13.18
C LYS D 441 14.40 1.27 -14.34
N GLY D 442 14.29 0.10 -14.94
CA GLY D 442 15.16 -0.21 -16.05
C GLY D 442 14.83 0.65 -17.28
N LEU D 443 13.54 0.95 -17.44
CA LEU D 443 13.04 1.75 -18.54
C LEU D 443 13.37 3.22 -18.37
N LEU D 444 13.89 3.58 -17.21
CA LEU D 444 14.21 4.97 -16.90
C LEU D 444 15.66 5.23 -16.54
N THR D 445 16.16 6.34 -17.07
CA THR D 445 17.52 6.79 -16.86
C THR D 445 17.49 8.30 -16.78
N LEU D 446 18.41 8.90 -16.04
CA LEU D 446 18.44 10.35 -15.92
C LEU D 446 18.74 10.98 -17.28
N ALA D 447 18.10 12.11 -17.54
CA ALA D 447 18.27 12.83 -18.79
C ALA D 447 19.60 13.62 -18.89
N LYS D 448 20.05 14.22 -17.80
CA LYS D 448 21.30 14.96 -17.81
C LYS D 448 22.46 14.13 -17.29
N GLY D 449 23.21 13.53 -18.21
CA GLY D 449 24.36 12.75 -17.80
C GLY D 449 25.60 13.61 -17.90
N LYS D 450 26.76 13.00 -17.72
CA LYS D 450 28.02 13.70 -17.80
C LYS D 450 29.12 12.71 -18.12
N PRO D 451 30.31 13.18 -18.51
CA PRO D 451 31.34 12.18 -18.79
C PRO D 451 31.44 11.33 -17.51
N ILE D 452 31.37 10.03 -17.65
CA ILE D 452 31.42 9.15 -16.49
C ILE D 452 32.60 9.36 -15.54
N GLY D 453 33.83 9.27 -16.06
CA GLY D 453 34.98 9.48 -15.22
C GLY D 453 35.52 8.23 -14.57
N LYS D 454 36.65 8.38 -13.87
CA LYS D 454 37.29 7.26 -13.19
C LYS D 454 36.39 6.73 -12.09
N GLU D 455 36.02 7.61 -11.18
CA GLU D 455 35.14 7.27 -10.06
C GLU D 455 33.76 6.86 -10.56
N GLY D 456 33.21 7.65 -11.49
CA GLY D 456 31.91 7.35 -12.05
C GLY D 456 31.91 5.95 -12.62
N TYR D 457 33.02 5.57 -13.26
CA TYR D 457 33.14 4.24 -13.83
C TYR D 457 33.13 3.23 -12.70
N TYR D 458 34.00 3.45 -11.71
CA TYR D 458 34.09 2.59 -10.54
C TYR D 458 32.64 2.42 -10.04
N TRP D 459 32.03 3.52 -9.63
CA TRP D 459 30.64 3.51 -9.19
C TRP D 459 29.85 3.31 -10.48
N LEU D 460 29.46 2.08 -10.72
CA LEU D 460 28.69 1.70 -11.89
C LEU D 460 28.99 0.23 -11.91
N LYS D 461 30.27 -0.08 -11.72
CA LYS D 461 30.71 -1.47 -11.65
C LYS D 461 30.00 -1.92 -10.38
N ILE D 462 30.11 -1.08 -9.35
CA ILE D 462 29.46 -1.37 -8.08
C ILE D 462 27.96 -1.51 -8.31
N HIS D 463 27.42 -0.58 -9.07
CA HIS D 463 25.99 -0.60 -9.39
C HIS D 463 25.63 -1.93 -10.07
N GLY D 464 26.41 -2.27 -11.10
CA GLY D 464 26.19 -3.50 -11.84
C GLY D 464 26.30 -4.72 -10.95
N ALA D 465 27.26 -4.69 -10.04
CA ALA D 465 27.47 -5.80 -9.12
C ALA D 465 26.24 -5.91 -8.23
N ASN D 466 25.61 -4.77 -7.95
CA ASN D 466 24.42 -4.73 -7.12
C ASN D 466 23.20 -5.25 -7.87
N CYS D 467 23.04 -4.79 -9.11
CA CYS D 467 21.93 -5.18 -9.97
C CYS D 467 21.96 -6.68 -10.18
N ALA D 468 23.17 -7.24 -10.08
CA ALA D 468 23.43 -8.65 -10.26
C ALA D 468 23.20 -9.51 -9.02
N GLY D 469 23.29 -8.91 -7.84
CA GLY D 469 23.09 -9.64 -6.61
C GLY D 469 24.34 -9.59 -5.74
N VAL D 470 25.48 -9.43 -6.39
CA VAL D 470 26.77 -9.32 -5.71
C VAL D 470 26.82 -7.98 -4.99
N ASP D 471 26.15 -7.90 -3.83
CA ASP D 471 26.13 -6.65 -3.06
C ASP D 471 26.35 -6.83 -1.56
N LYS D 472 26.52 -8.06 -1.10
CA LYS D 472 26.75 -8.29 0.33
C LYS D 472 28.18 -8.77 0.58
N VAL D 473 29.11 -8.20 -0.18
CA VAL D 473 30.53 -8.50 -0.11
C VAL D 473 31.24 -7.15 -0.24
N PRO D 474 32.47 -7.02 0.28
CA PRO D 474 33.15 -5.71 0.16
C PRO D 474 33.24 -5.19 -1.26
N PHE D 475 33.40 -3.88 -1.41
CA PHE D 475 33.49 -3.27 -2.75
C PHE D 475 34.49 -3.92 -3.70
N PRO D 476 35.69 -4.27 -3.20
CA PRO D 476 36.67 -4.91 -4.09
C PRO D 476 36.23 -6.19 -4.76
N GLU D 477 35.50 -7.05 -4.03
CA GLU D 477 35.05 -8.30 -4.63
C GLU D 477 33.93 -8.08 -5.63
N ARG D 478 33.33 -6.89 -5.60
CA ARG D 478 32.25 -6.59 -6.52
C ARG D 478 32.85 -6.17 -7.85
N ILE D 479 33.87 -5.32 -7.79
CA ILE D 479 34.52 -4.85 -9.00
C ILE D 479 35.05 -6.10 -9.68
N LYS D 480 35.55 -7.02 -8.87
CA LYS D 480 36.09 -8.25 -9.40
C LYS D 480 35.01 -9.01 -10.16
N PHE D 481 33.79 -8.99 -9.64
CA PHE D 481 32.67 -9.66 -10.31
C PHE D 481 32.43 -9.05 -11.68
N ILE D 482 32.35 -7.72 -11.73
CA ILE D 482 32.12 -7.05 -12.99
C ILE D 482 33.25 -7.28 -13.98
N GLU D 483 34.48 -7.02 -13.54
CA GLU D 483 35.66 -7.22 -14.37
C GLU D 483 35.81 -8.70 -14.79
N GLU D 484 35.68 -9.63 -13.85
CA GLU D 484 35.82 -11.04 -14.17
C GLU D 484 34.68 -11.57 -15.04
N ASN D 485 33.75 -10.68 -15.38
CA ASN D 485 32.62 -11.06 -16.21
C ASN D 485 32.55 -10.13 -17.42
N HIS D 486 33.60 -9.34 -17.61
CA HIS D 486 33.67 -8.40 -18.71
C HIS D 486 32.96 -8.92 -19.96
N GLU D 487 33.37 -10.09 -20.42
CA GLU D 487 32.78 -10.66 -21.62
C GLU D 487 31.27 -10.93 -21.59
N ASN D 488 30.76 -11.44 -20.49
CA ASN D 488 29.32 -11.70 -20.40
C ASN D 488 28.56 -10.38 -20.58
N ILE D 489 29.05 -9.36 -19.90
CA ILE D 489 28.47 -8.03 -19.95
C ILE D 489 28.43 -7.49 -21.38
N MET D 490 29.56 -7.52 -22.07
CA MET D 490 29.62 -7.03 -23.46
C MET D 490 28.66 -7.80 -24.32
N ALA D 491 28.61 -9.11 -24.12
CA ALA D 491 27.72 -9.99 -24.88
C ALA D 491 26.28 -9.52 -24.77
N CYS D 492 25.79 -9.46 -23.54
CA CYS D 492 24.41 -9.04 -23.30
C CYS D 492 24.18 -7.65 -23.86
N ALA D 493 25.24 -6.83 -23.84
CA ALA D 493 25.18 -5.48 -24.36
C ALA D 493 25.09 -5.49 -25.89
N LYS D 494 25.72 -6.47 -26.53
CA LYS D 494 25.72 -6.54 -27.98
C LYS D 494 24.43 -7.15 -28.51
N SER D 495 24.06 -8.30 -27.97
CA SER D 495 22.82 -8.95 -28.40
C SER D 495 22.01 -9.35 -27.18
N PRO D 496 21.52 -8.36 -26.41
CA PRO D 496 20.72 -8.61 -25.20
C PRO D 496 19.69 -9.65 -25.55
N LEU D 497 19.22 -9.54 -26.78
CA LEU D 497 18.24 -10.45 -27.29
C LEU D 497 18.89 -11.82 -27.32
N GLU D 498 19.96 -11.95 -28.10
CA GLU D 498 20.69 -13.21 -28.23
C GLU D 498 21.38 -13.66 -26.95
N ASN D 499 22.00 -12.73 -26.24
CA ASN D 499 22.74 -13.05 -25.04
C ASN D 499 22.08 -12.61 -23.74
N THR D 500 21.27 -13.50 -23.19
CA THR D 500 20.58 -13.23 -21.94
C THR D 500 21.67 -13.31 -20.86
N TRP D 501 21.28 -13.76 -19.66
CA TRP D 501 22.16 -13.87 -18.50
C TRP D 501 21.92 -12.63 -17.68
N TRP D 502 21.86 -11.50 -18.36
CA TRP D 502 21.59 -10.25 -17.66
C TRP D 502 20.18 -10.47 -17.08
N ALA D 503 19.41 -11.31 -17.76
CA ALA D 503 18.04 -11.61 -17.32
C ALA D 503 18.02 -12.74 -16.31
N GLU D 504 19.18 -13.14 -15.82
CA GLU D 504 19.25 -14.20 -14.82
C GLU D 504 19.79 -13.60 -13.54
N GLN D 505 19.81 -12.28 -13.49
CA GLN D 505 20.29 -11.54 -12.33
C GLN D 505 19.10 -10.92 -11.61
N ASP D 506 19.25 -10.75 -10.30
CA ASP D 506 18.22 -10.17 -9.44
C ASP D 506 17.52 -8.97 -10.09
N SER D 507 18.31 -8.02 -10.56
CA SER D 507 17.78 -6.84 -11.23
C SER D 507 18.16 -7.00 -12.70
N PRO D 508 17.34 -7.73 -13.46
CA PRO D 508 17.60 -7.97 -14.89
C PRO D 508 17.67 -6.72 -15.77
N PHE D 509 16.55 -6.01 -15.87
CA PHE D 509 16.52 -4.81 -16.72
C PHE D 509 17.45 -3.70 -16.25
N CYS D 510 17.63 -3.59 -14.95
CA CYS D 510 18.54 -2.58 -14.43
C CYS D 510 19.97 -3.04 -14.76
N PHE D 511 20.23 -4.32 -14.54
CA PHE D 511 21.56 -4.84 -14.83
C PHE D 511 21.82 -4.63 -16.32
N LEU D 512 20.82 -4.97 -17.14
CA LEU D 512 20.88 -4.81 -18.58
C LEU D 512 21.22 -3.37 -18.84
N ALA D 513 20.45 -2.48 -18.22
CA ALA D 513 20.66 -1.05 -18.36
C ALA D 513 22.14 -0.74 -18.10
N PHE D 514 22.74 -1.43 -17.13
CA PHE D 514 24.13 -1.22 -16.81
C PHE D 514 25.07 -1.82 -17.85
N CYS D 515 24.75 -3.01 -18.32
CA CYS D 515 25.57 -3.67 -19.32
C CYS D 515 25.77 -2.75 -20.52
N PHE D 516 24.70 -2.08 -20.91
CA PHE D 516 24.74 -1.15 -22.02
C PHE D 516 25.76 -0.04 -21.81
N GLU D 517 25.62 0.65 -20.69
CA GLU D 517 26.52 1.74 -20.38
C GLU D 517 27.94 1.25 -20.23
N TYR D 518 28.10 0.08 -19.62
CA TYR D 518 29.43 -0.48 -19.42
C TYR D 518 30.10 -0.67 -20.77
N ALA D 519 29.37 -1.24 -21.71
CA ALA D 519 29.89 -1.46 -23.08
C ALA D 519 30.25 -0.11 -23.70
N GLY D 520 29.43 0.89 -23.41
CA GLY D 520 29.68 2.21 -23.95
C GLY D 520 31.02 2.72 -23.47
N VAL D 521 31.29 2.53 -22.19
CA VAL D 521 32.57 2.96 -21.62
C VAL D 521 33.71 2.28 -22.35
N GLN D 522 33.51 1.00 -22.71
CA GLN D 522 34.55 0.25 -23.42
C GLN D 522 34.82 0.85 -24.78
N HIS D 523 33.74 1.12 -25.52
CA HIS D 523 33.81 1.69 -26.85
C HIS D 523 34.16 3.17 -26.88
N HIS D 524 34.03 3.87 -25.75
CA HIS D 524 34.35 5.30 -25.76
C HIS D 524 35.30 5.84 -24.69
N GLY D 525 35.49 5.08 -23.62
CA GLY D 525 36.38 5.53 -22.57
C GLY D 525 35.69 6.34 -21.49
N LEU D 526 36.48 6.76 -20.50
CA LEU D 526 36.00 7.54 -19.36
C LEU D 526 35.32 8.87 -19.63
N SER D 527 35.35 9.35 -20.86
CA SER D 527 34.69 10.62 -21.18
C SER D 527 33.28 10.34 -21.67
N TYR D 528 32.90 9.08 -21.57
CA TYR D 528 31.58 8.63 -21.99
C TYR D 528 30.48 9.31 -21.17
N ASN D 529 29.57 10.01 -21.85
CA ASN D 529 28.48 10.64 -21.11
C ASN D 529 27.57 9.53 -20.64
N CYS D 530 27.40 9.42 -19.34
CA CYS D 530 26.54 8.40 -18.76
C CYS D 530 25.53 9.06 -17.84
N SER D 531 24.27 8.61 -17.93
CA SER D 531 23.20 9.17 -17.09
C SER D 531 22.47 8.09 -16.34
N LEU D 532 23.03 6.89 -16.32
CA LEU D 532 22.41 5.76 -15.63
C LEU D 532 22.33 5.99 -14.13
N PRO D 533 21.11 6.09 -13.58
CA PRO D 533 21.00 6.30 -12.13
C PRO D 533 21.69 5.19 -11.34
N LEU D 534 22.72 5.57 -10.59
CA LEU D 534 23.46 4.63 -9.78
C LEU D 534 22.82 4.63 -8.40
N ALA D 535 22.17 3.54 -8.02
CA ALA D 535 21.47 3.45 -6.74
C ALA D 535 22.24 3.09 -5.47
N PHE D 536 22.24 4.03 -4.52
CA PHE D 536 22.88 3.80 -3.24
C PHE D 536 21.74 3.54 -2.24
N ASP D 537 21.61 2.31 -1.78
CA ASP D 537 20.53 2.00 -0.84
C ASP D 537 20.96 1.49 0.53
N GLY D 538 20.47 2.15 1.58
CA GLY D 538 20.82 1.76 2.93
C GLY D 538 20.47 0.32 3.25
N SER D 539 21.13 -0.26 4.26
CA SER D 539 20.86 -1.63 4.66
C SER D 539 20.02 -1.65 5.93
N CYS D 540 18.70 -1.81 5.74
CA CYS D 540 17.76 -1.84 6.85
C CYS D 540 17.72 -0.46 7.53
N SER D 541 17.34 0.55 6.77
CA SER D 541 17.28 1.92 7.29
C SER D 541 16.49 1.99 8.59
N GLY D 542 15.56 1.04 8.76
CA GLY D 542 14.76 0.99 9.97
C GLY D 542 15.65 0.95 11.21
N ILE D 543 16.36 -0.16 11.40
CA ILE D 543 17.26 -0.30 12.54
C ILE D 543 18.37 0.73 12.54
N GLN D 544 18.82 1.14 11.36
CA GLN D 544 19.86 2.14 11.28
C GLN D 544 19.37 3.39 12.01
N HIS D 545 18.20 3.90 11.60
CA HIS D 545 17.63 5.09 12.21
C HIS D 545 17.45 4.93 13.72
N PHE D 546 16.98 3.76 14.15
CA PHE D 546 16.82 3.48 15.57
C PHE D 546 18.20 3.50 16.21
N SER D 547 19.15 2.80 15.59
CA SER D 547 20.51 2.75 16.09
C SER D 547 21.10 4.16 16.20
N ALA D 548 20.75 5.02 15.25
CA ALA D 548 21.27 6.39 15.21
C ALA D 548 20.82 7.29 16.36
N MET D 549 19.51 7.40 16.53
CA MET D 549 18.95 8.25 17.59
C MET D 549 19.19 7.70 18.98
N LEU D 550 19.74 6.49 19.05
CA LEU D 550 20.00 5.85 20.33
C LEU D 550 21.50 5.62 20.54
N ARG D 551 22.27 5.90 19.49
CA ARG D 551 23.72 5.72 19.52
C ARG D 551 24.00 4.23 19.76
N ASP D 552 23.03 3.40 19.40
CA ASP D 552 23.13 1.95 19.57
C ASP D 552 24.24 1.40 18.69
N GLU D 553 25.37 1.08 19.30
CA GLU D 553 26.51 0.56 18.56
C GLU D 553 26.32 -0.88 18.08
N VAL D 554 25.72 -1.73 18.91
CA VAL D 554 25.49 -3.11 18.52
C VAL D 554 24.62 -3.11 17.29
N GLY D 555 23.48 -2.42 17.37
CA GLY D 555 22.56 -2.34 16.25
C GLY D 555 23.24 -1.70 15.05
N GLY D 556 23.81 -0.51 15.27
CA GLY D 556 24.50 0.18 14.20
C GLY D 556 25.50 -0.76 13.53
N ARG D 557 26.23 -1.50 14.37
CA ARG D 557 27.20 -2.47 13.91
C ARG D 557 26.53 -3.40 12.90
N ALA D 558 25.46 -4.06 13.34
CA ALA D 558 24.70 -4.97 12.50
C ALA D 558 24.31 -4.32 11.18
N VAL D 559 23.73 -3.12 11.27
CA VAL D 559 23.30 -2.40 10.07
C VAL D 559 24.33 -1.47 9.45
N ASN D 560 25.59 -1.90 9.46
CA ASN D 560 26.71 -1.16 8.87
C ASN D 560 26.89 0.33 9.20
N LEU D 561 26.63 0.73 10.44
CA LEU D 561 26.79 2.15 10.81
C LEU D 561 28.20 2.49 11.33
N LEU D 562 29.18 1.64 11.02
CA LEU D 562 30.56 1.86 11.44
C LEU D 562 31.49 1.26 10.41
N PRO D 563 32.69 1.82 10.22
CA PRO D 563 33.59 1.23 9.23
C PRO D 563 33.76 -0.25 9.59
N SER D 564 33.83 -1.11 8.57
CA SER D 564 33.95 -2.55 8.77
C SER D 564 34.65 -3.24 7.61
N GLU D 565 35.17 -4.44 7.86
CA GLU D 565 35.86 -5.19 6.82
C GLU D 565 34.87 -5.68 5.78
N THR D 566 33.96 -6.55 6.20
CA THR D 566 32.96 -7.09 5.30
C THR D 566 31.67 -6.37 5.65
N VAL D 567 30.70 -6.41 4.74
CA VAL D 567 29.42 -5.77 4.99
C VAL D 567 28.59 -6.59 5.96
N GLN D 568 28.04 -5.93 6.98
CA GLN D 568 27.22 -6.62 7.96
C GLN D 568 25.80 -6.75 7.42
N ASP D 569 25.28 -7.98 7.43
CA ASP D 569 23.95 -8.27 6.94
C ASP D 569 23.14 -8.77 8.14
N ILE D 570 22.41 -7.86 8.79
CA ILE D 570 21.61 -8.23 9.96
C ILE D 570 20.66 -9.38 9.67
N TYR D 571 20.22 -9.50 8.42
CA TYR D 571 19.31 -10.59 8.06
C TYR D 571 20.11 -11.89 8.02
N GLY D 572 21.33 -11.81 7.52
CA GLY D 572 22.16 -12.99 7.49
C GLY D 572 22.47 -13.40 8.92
N ILE D 573 22.74 -12.41 9.75
CA ILE D 573 23.07 -12.66 11.15
C ILE D 573 21.94 -13.43 11.84
N VAL D 574 20.69 -13.07 11.53
CA VAL D 574 19.53 -13.74 12.10
C VAL D 574 19.34 -15.09 11.41
N ALA D 575 19.71 -15.15 10.13
CA ALA D 575 19.60 -16.37 9.34
C ALA D 575 20.56 -17.44 9.89
N LYS D 576 21.78 -17.01 10.22
CA LYS D 576 22.80 -17.91 10.76
C LYS D 576 22.39 -18.40 12.14
N LYS D 577 21.82 -17.50 12.94
CA LYS D 577 21.38 -17.83 14.29
C LYS D 577 20.27 -18.86 14.26
N VAL D 578 19.27 -18.62 13.42
CA VAL D 578 18.17 -19.56 13.27
C VAL D 578 18.78 -20.93 12.98
N ASN D 579 19.68 -20.98 12.00
CA ASN D 579 20.34 -22.21 11.59
C ASN D 579 20.94 -23.02 12.75
N GLU D 580 21.64 -22.35 13.65
CA GLU D 580 22.24 -23.03 14.80
C GLU D 580 21.14 -23.76 15.55
N ILE D 581 19.98 -23.12 15.65
CA ILE D 581 18.84 -23.72 16.33
C ILE D 581 18.42 -24.97 15.56
N LEU D 582 18.15 -24.77 14.27
CA LEU D 582 17.74 -25.86 13.40
C LEU D 582 18.76 -27.00 13.50
N GLN D 583 20.04 -26.65 13.32
CA GLN D 583 21.13 -27.62 13.39
C GLN D 583 21.07 -28.46 14.65
N ALA D 584 20.51 -27.88 15.71
CA ALA D 584 20.37 -28.58 16.98
C ALA D 584 19.13 -29.46 16.96
N ASP D 585 19.34 -30.78 16.94
CA ASP D 585 18.23 -31.72 16.92
C ASP D 585 18.34 -32.71 18.07
N ALA D 586 17.54 -32.45 19.11
CA ALA D 586 17.47 -33.22 20.34
C ALA D 586 17.42 -32.15 21.42
N ILE D 587 18.38 -31.23 21.35
CA ILE D 587 18.49 -30.11 22.28
C ILE D 587 17.33 -29.15 22.02
N ASN D 588 16.79 -29.21 20.80
CA ASN D 588 15.67 -28.36 20.42
C ASN D 588 14.63 -29.19 19.67
N GLY D 589 15.05 -30.35 19.17
CA GLY D 589 14.14 -31.21 18.45
C GLY D 589 13.48 -32.25 19.32
N THR D 590 12.16 -32.37 19.22
CA THR D 590 11.40 -33.33 20.01
C THR D 590 10.68 -34.35 19.12
N ASP D 591 10.10 -35.36 19.75
CA ASP D 591 9.37 -36.40 19.03
C ASP D 591 8.02 -35.87 18.60
N ASN D 592 7.41 -36.53 17.63
CA ASN D 592 6.11 -36.13 17.11
C ASN D 592 5.00 -36.86 17.86
N GLU D 593 4.07 -36.10 18.43
CA GLU D 593 2.96 -36.67 19.18
C GLU D 593 1.76 -36.96 18.26
N GLY D 612 6.01 -32.39 15.77
CA GLY D 612 7.12 -32.17 16.67
C GLY D 612 8.24 -31.37 16.03
N THR D 613 9.20 -30.94 16.84
CA THR D 613 10.32 -30.17 16.32
C THR D 613 11.21 -31.07 15.46
N LYS D 614 12.46 -31.28 15.87
CA LYS D 614 13.41 -32.14 15.15
C LYS D 614 13.05 -32.30 13.68
N ALA D 615 12.18 -33.26 13.38
CA ALA D 615 11.74 -33.53 12.01
C ALA D 615 11.31 -32.24 11.32
N LEU D 616 10.62 -31.39 12.08
CA LEU D 616 10.14 -30.11 11.58
C LEU D 616 11.33 -29.28 11.14
N ALA D 617 12.34 -29.19 11.99
CA ALA D 617 13.55 -28.44 11.68
C ALA D 617 14.18 -29.03 10.43
N GLY D 618 14.21 -30.35 10.36
CA GLY D 618 14.78 -31.02 9.20
C GLY D 618 14.13 -30.57 7.91
N GLN D 619 12.81 -30.35 7.95
CA GLN D 619 12.08 -29.91 6.77
C GLN D 619 12.65 -28.58 6.30
N TRP D 620 12.99 -27.72 7.25
CA TRP D 620 13.55 -26.41 6.93
C TRP D 620 14.99 -26.53 6.49
N LEU D 621 15.78 -27.29 7.24
CA LEU D 621 17.18 -27.49 6.89
C LEU D 621 17.24 -27.95 5.44
N ALA D 622 16.24 -28.74 5.05
CA ALA D 622 16.14 -29.26 3.69
C ALA D 622 15.84 -28.12 2.73
N TYR D 623 14.91 -27.26 3.13
CA TYR D 623 14.52 -26.10 2.33
C TYR D 623 15.71 -25.17 2.20
N GLY D 624 16.58 -25.21 3.20
CA GLY D 624 17.74 -24.35 3.22
C GLY D 624 17.31 -22.94 3.59
N VAL D 625 17.20 -22.68 4.89
CA VAL D 625 16.80 -21.36 5.37
C VAL D 625 17.93 -20.36 5.18
N THR D 626 17.63 -19.25 4.53
CA THR D 626 18.63 -18.20 4.29
C THR D 626 18.07 -16.82 4.64
N ARG D 627 18.81 -15.78 4.29
CA ARG D 627 18.38 -14.42 4.61
C ARG D 627 17.05 -14.08 3.95
N SER D 628 16.72 -14.79 2.87
CA SER D 628 15.47 -14.58 2.16
C SER D 628 14.32 -14.58 3.15
N VAL D 629 14.33 -15.58 4.02
CA VAL D 629 13.32 -15.74 5.04
C VAL D 629 13.75 -14.86 6.22
N THR D 630 12.94 -14.84 7.27
CA THR D 630 13.24 -14.07 8.47
C THR D 630 13.46 -12.57 8.22
N LYS D 631 13.84 -12.21 7.00
CA LYS D 631 14.13 -10.83 6.66
C LYS D 631 13.02 -9.83 7.01
N ARG D 632 11.82 -10.02 6.46
CA ARG D 632 10.74 -9.10 6.75
C ARG D 632 10.52 -9.09 8.26
N SER D 633 10.66 -10.26 8.87
CA SER D 633 10.49 -10.44 10.30
C SER D 633 11.53 -9.65 11.12
N VAL D 634 12.71 -9.47 10.53
CA VAL D 634 13.80 -8.77 11.17
C VAL D 634 13.66 -7.23 11.16
N MET D 635 13.08 -6.69 10.09
CA MET D 635 12.91 -5.24 9.98
C MET D 635 11.63 -4.68 10.60
N THR D 636 10.65 -5.55 10.86
CA THR D 636 9.38 -5.12 11.43
C THR D 636 9.27 -5.29 12.95
N LEU D 637 10.20 -6.02 13.55
CA LEU D 637 10.20 -6.22 14.99
C LEU D 637 10.20 -4.90 15.73
N ALA D 638 11.16 -4.04 15.39
CA ALA D 638 11.25 -2.72 16.03
C ALA D 638 10.05 -1.84 15.68
N TYR D 639 9.23 -2.31 14.74
CA TYR D 639 8.04 -1.58 14.32
C TYR D 639 6.78 -2.07 15.04
N GLY D 640 6.90 -3.19 15.75
CA GLY D 640 5.76 -3.71 16.49
C GLY D 640 5.33 -5.13 16.17
N SER D 641 5.85 -5.68 15.08
CA SER D 641 5.51 -7.04 14.67
C SER D 641 5.91 -8.03 15.74
N LYS D 642 4.96 -8.88 16.14
CA LYS D 642 5.21 -9.89 17.16
C LYS D 642 5.37 -11.30 16.56
N GLU D 643 5.58 -12.29 17.41
CA GLU D 643 5.77 -13.67 16.95
C GLU D 643 4.62 -14.17 16.09
N PHE D 644 3.41 -13.77 16.43
CA PHE D 644 2.26 -14.20 15.66
C PHE D 644 2.34 -13.54 14.28
N GLY D 645 2.95 -12.37 14.25
CA GLY D 645 3.10 -11.65 13.00
C GLY D 645 4.03 -12.40 12.08
N PHE D 646 5.10 -12.96 12.66
CA PHE D 646 6.08 -13.71 11.90
C PHE D 646 5.46 -14.93 11.24
N ARG D 647 4.69 -15.70 12.01
CA ARG D 647 4.00 -16.89 11.49
C ARG D 647 3.34 -16.56 10.16
N GLN D 648 2.55 -15.49 10.14
CA GLN D 648 1.85 -15.05 8.96
C GLN D 648 2.87 -14.71 7.88
N GLN D 649 3.80 -13.82 8.23
CA GLN D 649 4.84 -13.38 7.31
C GLN D 649 5.58 -14.53 6.63
N VAL D 650 6.34 -15.28 7.42
CA VAL D 650 7.12 -16.41 6.90
C VAL D 650 6.24 -17.36 6.12
N LEU D 651 5.01 -17.53 6.58
CA LEU D 651 4.05 -18.41 5.93
C LEU D 651 3.65 -17.88 4.57
N GLU D 652 3.39 -16.57 4.51
CA GLU D 652 2.97 -15.91 3.29
C GLU D 652 4.11 -15.48 2.38
N ASP D 653 5.25 -15.13 2.98
CA ASP D 653 6.40 -14.68 2.21
C ASP D 653 7.30 -15.82 1.73
N THR D 654 7.37 -16.90 2.50
CA THR D 654 8.23 -18.02 2.14
C THR D 654 7.51 -19.30 1.78
N ILE D 655 6.66 -19.79 2.68
CA ILE D 655 5.92 -21.03 2.44
C ILE D 655 4.90 -20.92 1.31
N GLN D 656 3.87 -20.11 1.52
CA GLN D 656 2.82 -19.92 0.53
C GLN D 656 3.35 -19.85 -0.90
N PRO D 657 4.41 -19.06 -1.13
CA PRO D 657 4.95 -18.96 -2.49
C PRO D 657 5.74 -20.22 -2.89
N ALA D 658 6.48 -20.77 -1.94
CA ALA D 658 7.28 -21.97 -2.18
C ALA D 658 6.40 -23.20 -2.37
N ILE D 659 5.16 -23.13 -1.87
CA ILE D 659 4.23 -24.25 -1.97
C ILE D 659 3.83 -24.42 -3.44
N ASP D 660 2.89 -23.59 -3.89
CA ASP D 660 2.45 -23.66 -5.28
C ASP D 660 3.58 -23.31 -6.25
N SER D 661 4.48 -24.26 -6.46
CA SER D 661 5.62 -24.07 -7.36
C SER D 661 6.44 -25.36 -7.43
N GLY D 662 6.34 -26.17 -6.37
CA GLY D 662 7.07 -27.43 -6.34
C GLY D 662 8.39 -27.34 -5.60
N LYS D 663 9.06 -26.20 -5.70
CA LYS D 663 10.35 -26.00 -5.04
C LYS D 663 10.27 -26.15 -3.52
N GLY D 664 9.05 -26.18 -3.00
CA GLY D 664 8.86 -26.31 -1.56
C GLY D 664 7.60 -27.09 -1.21
N LEU D 665 7.67 -28.41 -1.36
CA LEU D 665 6.54 -29.28 -1.07
C LEU D 665 6.93 -30.39 -0.10
N MET D 666 7.52 -29.99 1.03
CA MET D 666 7.96 -30.92 2.05
C MET D 666 7.70 -30.36 3.45
N PHE D 667 6.70 -29.47 3.54
CA PHE D 667 6.35 -28.85 4.80
C PHE D 667 5.15 -29.51 5.48
N THR D 668 4.46 -30.38 4.75
CA THR D 668 3.28 -31.08 5.28
C THR D 668 2.49 -30.10 6.13
N GLN D 669 1.63 -29.31 5.47
CA GLN D 669 0.83 -28.30 6.15
C GLN D 669 1.79 -27.17 6.52
N PRO D 670 1.59 -25.99 5.94
CA PRO D 670 2.44 -24.83 6.21
C PRO D 670 2.42 -24.40 7.68
N ASN D 671 1.22 -24.38 8.25
CA ASN D 671 1.08 -24.00 9.64
C ASN D 671 1.98 -24.90 10.47
N GLN D 672 2.36 -24.42 11.65
CA GLN D 672 3.24 -25.18 12.55
C GLN D 672 4.64 -25.20 11.95
N ALA D 673 4.72 -25.39 10.63
CA ALA D 673 6.00 -25.41 9.94
C ALA D 673 6.44 -23.96 9.82
N ALA D 674 5.44 -23.07 9.86
CA ALA D 674 5.68 -21.63 9.78
C ALA D 674 5.69 -21.12 11.21
N GLY D 675 4.81 -21.66 12.03
CA GLY D 675 4.76 -21.25 13.43
C GLY D 675 6.12 -21.57 14.02
N TYR D 676 6.68 -22.70 13.60
CA TYR D 676 7.97 -23.13 14.11
C TYR D 676 9.03 -22.06 13.80
N MET D 677 9.20 -21.77 12.51
CA MET D 677 10.16 -20.76 12.09
C MET D 677 9.90 -19.47 12.84
N ALA D 678 8.63 -19.11 12.94
CA ALA D 678 8.22 -17.89 13.63
C ALA D 678 8.86 -17.73 15.00
N LYS D 679 9.00 -18.82 15.75
CA LYS D 679 9.59 -18.75 17.08
C LYS D 679 11.11 -18.67 17.10
N LEU D 680 11.75 -19.26 16.10
CA LEU D 680 13.21 -19.21 16.02
C LEU D 680 13.63 -17.80 15.60
N ILE D 681 12.90 -17.26 14.63
CA ILE D 681 13.14 -15.91 14.14
C ILE D 681 12.99 -14.95 15.30
N TRP D 682 11.97 -15.19 16.13
CA TRP D 682 11.72 -14.35 17.28
C TRP D 682 12.91 -14.42 18.24
N GLU D 683 13.19 -15.62 18.72
CA GLU D 683 14.31 -15.86 19.63
C GLU D 683 15.58 -15.21 19.08
N SER D 684 15.92 -15.59 17.86
CA SER D 684 17.11 -15.10 17.18
C SER D 684 17.13 -13.58 17.01
N VAL D 685 16.00 -13.01 16.61
CA VAL D 685 15.91 -11.56 16.38
C VAL D 685 15.79 -10.76 17.68
N SER D 686 15.02 -11.28 18.63
CA SER D 686 14.84 -10.60 19.91
C SER D 686 16.19 -10.38 20.61
N VAL D 687 17.10 -11.35 20.46
CA VAL D 687 18.42 -11.26 21.07
C VAL D 687 19.41 -10.51 20.17
N THR D 688 18.90 -9.82 19.15
CA THR D 688 19.74 -9.07 18.24
C THR D 688 19.31 -7.59 18.26
N VAL D 689 18.02 -7.37 18.07
CA VAL D 689 17.46 -6.02 18.08
C VAL D 689 16.96 -5.76 19.49
N VAL D 690 17.70 -4.93 20.22
CA VAL D 690 17.36 -4.61 21.60
C VAL D 690 16.96 -3.14 21.81
N ALA D 691 17.93 -2.24 21.79
CA ALA D 691 17.67 -0.81 21.98
C ALA D 691 16.49 -0.40 21.14
N ALA D 692 16.48 -0.86 19.89
CA ALA D 692 15.41 -0.55 18.96
C ALA D 692 14.09 -0.80 19.65
N VAL D 693 13.85 -2.06 19.99
CA VAL D 693 12.62 -2.45 20.68
C VAL D 693 12.36 -1.52 21.86
N GLU D 694 13.38 -1.29 22.68
CA GLU D 694 13.23 -0.41 23.84
C GLU D 694 12.73 0.96 23.40
N ALA D 695 13.31 1.48 22.31
CA ALA D 695 12.91 2.79 21.79
C ALA D 695 11.50 2.72 21.22
N MET D 696 11.15 1.54 20.69
CA MET D 696 9.83 1.31 20.13
C MET D 696 8.79 1.39 21.25
N ASN D 697 9.03 0.65 22.32
CA ASN D 697 8.11 0.62 23.46
C ASN D 697 7.98 1.99 24.11
N TRP D 698 9.01 2.82 23.95
CA TRP D 698 9.00 4.15 24.51
C TRP D 698 8.03 5.02 23.72
N LEU D 699 7.99 4.77 22.41
CA LEU D 699 7.10 5.53 21.53
C LEU D 699 5.67 5.04 21.74
N LYS D 700 5.51 3.74 21.99
CA LYS D 700 4.18 3.17 22.21
C LYS D 700 3.56 3.72 23.48
N SER D 701 4.38 3.91 24.51
CA SER D 701 3.88 4.44 25.77
C SER D 701 3.36 5.87 25.58
N ALA D 702 4.08 6.68 24.82
CA ALA D 702 3.64 8.05 24.57
C ALA D 702 2.34 8.04 23.78
N ALA D 703 2.24 7.15 22.80
CA ALA D 703 1.03 7.05 21.99
C ALA D 703 -0.12 6.52 22.86
N LYS D 704 0.17 5.47 23.61
CA LYS D 704 -0.81 4.86 24.50
C LYS D 704 -1.34 5.92 25.45
N LEU D 705 -0.44 6.57 26.18
CA LEU D 705 -0.81 7.60 27.15
C LEU D 705 -1.65 8.73 26.55
N LEU D 706 -1.18 9.30 25.44
CA LEU D 706 -1.88 10.40 24.76
C LEU D 706 -3.20 9.98 24.15
N ALA D 707 -3.25 8.76 23.67
CA ALA D 707 -4.47 8.23 23.08
C ALA D 707 -5.49 8.01 24.18
N ALA D 708 -5.00 7.62 25.35
CA ALA D 708 -5.87 7.36 26.49
C ALA D 708 -6.82 8.52 26.76
N GLU D 709 -7.90 8.22 27.46
CA GLU D 709 -8.89 9.23 27.83
C GLU D 709 -9.05 9.12 29.34
N VAL D 710 -8.30 9.93 30.07
CA VAL D 710 -8.36 9.90 31.53
C VAL D 710 -9.57 10.62 32.10
N LYS D 711 -10.22 9.94 33.05
CA LYS D 711 -11.38 10.48 33.72
C LYS D 711 -11.08 10.43 35.22
N ASP D 712 -11.59 11.38 35.99
CA ASP D 712 -11.33 11.42 37.43
C ASP D 712 -11.77 10.14 38.12
N LYS D 713 -10.95 9.65 39.05
CA LYS D 713 -11.24 8.42 39.77
C LYS D 713 -12.51 8.46 40.61
N LYS D 714 -12.74 9.59 41.27
CA LYS D 714 -13.91 9.71 42.14
C LYS D 714 -15.19 10.20 41.49
N THR D 715 -15.09 10.92 40.39
CA THR D 715 -16.26 11.45 39.72
C THR D 715 -16.02 11.54 38.22
N GLY D 716 -15.22 10.61 37.74
CA GLY D 716 -14.84 10.50 36.34
C GLY D 716 -15.25 11.49 35.26
N GLU D 717 -15.13 12.81 35.41
CA GLU D 717 -15.51 13.57 34.23
C GLU D 717 -14.25 13.40 33.41
N ILE D 718 -14.32 13.60 32.11
CA ILE D 718 -13.10 13.47 31.34
C ILE D 718 -12.20 14.63 31.73
N LEU D 719 -11.04 14.30 32.31
CA LEU D 719 -10.09 15.33 32.71
C LEU D 719 -9.19 15.72 31.54
N ARG D 720 -8.88 14.74 30.69
CA ARG D 720 -8.06 14.96 29.51
C ARG D 720 -8.67 14.08 28.43
N LYS D 721 -8.88 14.64 27.24
CA LYS D 721 -9.49 13.92 26.12
C LYS D 721 -8.45 13.23 25.24
N ARG D 722 -8.85 12.12 24.63
CA ARG D 722 -7.92 11.40 23.75
C ARG D 722 -7.33 12.45 22.83
N CYS D 723 -6.11 12.22 22.35
CA CYS D 723 -5.47 13.20 21.47
C CYS D 723 -4.31 12.63 20.66
N ALA D 724 -4.18 13.16 19.45
CA ALA D 724 -3.15 12.73 18.52
C ALA D 724 -1.72 12.92 19.02
N VAL D 725 -0.82 12.11 18.48
CA VAL D 725 0.60 12.21 18.82
C VAL D 725 1.12 13.12 17.72
N HIS D 726 1.89 14.14 18.11
CA HIS D 726 2.42 15.09 17.16
C HIS D 726 3.93 15.19 17.27
N TRP D 727 4.60 15.34 16.13
CA TRP D 727 6.05 15.46 16.15
C TRP D 727 6.56 16.12 14.86
N VAL D 728 7.71 16.76 14.95
CA VAL D 728 8.32 17.45 13.83
C VAL D 728 9.60 16.77 13.42
N THR D 729 9.73 16.49 12.13
CA THR D 729 10.95 15.85 11.62
C THR D 729 12.04 16.91 11.63
N PRO D 730 13.31 16.48 11.73
CA PRO D 730 14.48 17.35 11.76
C PRO D 730 14.53 18.46 10.70
N ASP D 731 14.02 18.18 9.50
CA ASP D 731 14.05 19.19 8.44
C ASP D 731 12.89 20.17 8.50
N GLY D 732 12.12 20.09 9.59
CA GLY D 732 11.00 20.99 9.74
C GLY D 732 9.68 20.43 9.29
N PHE D 733 9.61 19.13 8.99
CA PHE D 733 8.34 18.55 8.56
C PHE D 733 7.47 17.97 9.67
N PRO D 734 6.34 18.64 9.95
CA PRO D 734 5.36 18.28 10.98
C PRO D 734 4.48 17.08 10.61
N VAL D 735 4.34 16.15 11.53
CA VAL D 735 3.52 14.95 11.33
C VAL D 735 2.42 14.97 12.38
N TRP D 736 1.23 14.57 11.97
CA TRP D 736 0.10 14.51 12.88
C TRP D 736 -0.52 13.13 12.76
N GLN D 737 -0.28 12.31 13.77
CA GLN D 737 -0.86 10.98 13.77
C GLN D 737 -2.07 10.98 14.69
N GLU D 738 -3.25 10.93 14.08
CA GLU D 738 -4.50 10.86 14.83
C GLU D 738 -5.47 9.96 14.08
N TYR D 739 -5.31 8.66 14.28
CA TYR D 739 -6.18 7.68 13.66
C TYR D 739 -7.55 7.84 14.29
N LYS D 740 -8.59 7.37 13.62
CA LYS D 740 -9.94 7.49 14.17
C LYS D 740 -10.73 6.19 14.01
N LYS D 741 -11.52 5.86 15.02
CA LYS D 741 -12.36 4.68 14.97
C LYS D 741 -13.55 5.01 14.07
N PRO D 742 -13.84 4.14 13.09
CA PRO D 742 -14.97 4.38 12.19
C PRO D 742 -16.16 5.03 12.89
N ILE D 743 -16.59 6.17 12.36
CA ILE D 743 -17.72 6.91 12.93
C ILE D 743 -19.05 6.17 12.81
N GLN D 744 -19.44 5.82 11.59
CA GLN D 744 -20.69 5.09 11.38
C GLN D 744 -20.40 3.60 11.45
N THR D 745 -20.83 2.96 12.54
CA THR D 745 -20.62 1.53 12.71
C THR D 745 -21.14 0.82 11.47
N ARG D 746 -20.41 -0.19 11.02
CA ARG D 746 -20.80 -0.95 9.84
C ARG D 746 -21.51 -2.25 10.19
N LEU D 747 -22.28 -2.76 9.23
CA LEU D 747 -23.03 -4.00 9.43
C LEU D 747 -23.02 -4.80 8.13
N ASN D 748 -22.43 -5.98 8.18
CA ASN D 748 -22.33 -6.87 7.02
C ASN D 748 -23.64 -7.60 6.75
N LEU D 749 -23.73 -8.21 5.57
CA LEU D 749 -24.93 -8.96 5.18
C LEU D 749 -24.57 -10.26 4.46
N MET D 750 -23.31 -10.65 4.55
CA MET D 750 -22.83 -11.88 3.93
C MET D 750 -22.81 -11.87 2.40
N PHE D 751 -23.93 -11.57 1.78
CA PHE D 751 -24.00 -11.57 0.32
C PHE D 751 -24.02 -10.19 -0.35
N LEU D 752 -25.04 -9.39 -0.04
CA LEU D 752 -25.17 -8.07 -0.64
C LEU D 752 -24.02 -7.10 -0.38
N GLY D 753 -23.16 -7.41 0.58
CA GLY D 753 -22.03 -6.54 0.87
C GLY D 753 -21.97 -5.93 2.27
N GLN D 754 -21.47 -4.70 2.35
CA GLN D 754 -21.35 -3.99 3.62
C GLN D 754 -21.78 -2.52 3.49
N PHE D 755 -22.44 -2.02 4.54
CA PHE D 755 -22.90 -0.63 4.54
C PHE D 755 -22.86 -0.01 5.93
N ARG D 756 -22.55 1.28 5.99
CA ARG D 756 -22.47 2.01 7.24
C ARG D 756 -23.84 2.59 7.60
N LEU D 757 -23.89 3.53 8.56
CA LEU D 757 -25.15 4.14 8.96
C LEU D 757 -24.97 5.14 10.12
N GLN D 758 -25.58 6.31 9.98
CA GLN D 758 -25.50 7.36 11.00
C GLN D 758 -25.67 6.77 12.39
N PRO D 759 -24.76 7.10 13.31
CA PRO D 759 -24.77 6.62 14.70
C PRO D 759 -26.12 6.74 15.41
N THR D 760 -26.42 5.76 16.26
CA THR D 760 -27.66 5.76 17.02
C THR D 760 -27.55 6.76 18.15
N ILE D 761 -26.53 6.60 18.98
CA ILE D 761 -26.31 7.50 20.10
C ILE D 761 -25.72 8.82 19.61
N ASN D 762 -26.46 9.90 19.82
CA ASN D 762 -26.01 11.22 19.40
C ASN D 762 -24.68 11.54 20.08
N THR D 763 -23.62 11.08 19.35
CA THR D 763 -22.24 11.23 19.82
C THR D 763 -21.27 10.86 18.69
N ASN D 764 -20.46 11.84 18.28
CA ASN D 764 -19.47 11.68 17.22
C ASN D 764 -18.91 13.04 16.86
N LYS D 765 -18.82 13.92 17.86
CA LYS D 765 -18.30 15.28 17.69
C LYS D 765 -17.08 15.35 16.77
N ASP D 766 -16.00 14.69 17.17
CA ASP D 766 -14.76 14.66 16.39
C ASP D 766 -14.80 13.44 15.48
N SER D 767 -14.91 12.32 15.95
CA SER D 767 -14.93 11.05 15.25
C SER D 767 -14.44 9.90 16.14
N GLU D 768 -13.77 10.27 17.24
CA GLU D 768 -13.22 9.29 18.19
C GLU D 768 -11.88 8.71 17.74
N ILE D 769 -10.80 9.16 18.39
CA ILE D 769 -9.45 8.71 18.09
C ILE D 769 -9.29 7.24 18.39
N ASP D 770 -8.60 6.52 17.50
CA ASP D 770 -8.37 5.08 17.67
C ASP D 770 -7.10 4.81 18.51
N ALA D 771 -7.28 4.70 19.82
CA ALA D 771 -6.19 4.48 20.75
C ALA D 771 -5.35 3.24 20.44
N HIS D 772 -5.88 2.35 19.60
CA HIS D 772 -5.17 1.14 19.23
C HIS D 772 -4.22 1.39 18.06
N LYS D 773 -4.75 1.92 16.97
CA LYS D 773 -3.92 2.21 15.81
C LYS D 773 -2.83 3.21 16.19
N GLN D 774 -3.21 4.21 16.99
CA GLN D 774 -2.29 5.24 17.45
C GLN D 774 -1.04 4.66 18.10
N GLU D 775 -1.16 3.49 18.72
CA GLU D 775 -0.02 2.85 19.37
C GLU D 775 0.73 1.87 18.49
N SER D 776 0.01 1.19 17.59
CA SER D 776 0.65 0.24 16.69
C SER D 776 1.37 0.94 15.53
N GLY D 777 0.94 2.16 15.19
CA GLY D 777 1.57 2.88 14.09
C GLY D 777 2.70 3.80 14.52
N ILE D 778 2.54 4.44 15.68
CA ILE D 778 3.53 5.37 16.19
C ILE D 778 4.98 5.02 15.89
N ALA D 779 5.39 3.79 16.20
CA ALA D 779 6.78 3.40 15.94
C ALA D 779 7.10 3.42 14.44
N PRO D 780 6.43 2.56 13.64
CA PRO D 780 6.76 2.60 12.21
C PRO D 780 6.63 3.99 11.57
N ASN D 781 5.54 4.69 11.85
CA ASN D 781 5.32 6.04 11.29
C ASN D 781 6.42 7.02 11.66
N PHE D 782 6.91 6.92 12.89
CA PHE D 782 7.96 7.82 13.38
C PHE D 782 9.29 7.73 12.67
N VAL D 783 9.81 6.52 12.52
CA VAL D 783 11.10 6.31 11.87
C VAL D 783 10.97 6.60 10.38
N HIS D 784 9.81 6.27 9.82
CA HIS D 784 9.56 6.51 8.41
C HIS D 784 9.71 7.99 8.16
N SER D 785 9.13 8.77 9.07
CA SER D 785 9.18 10.22 8.98
C SER D 785 10.60 10.68 9.31
N GLN D 786 11.40 9.76 9.85
CA GLN D 786 12.80 10.07 10.17
C GLN D 786 13.68 9.89 8.94
N ASP D 787 13.35 8.88 8.14
CA ASP D 787 14.12 8.60 6.94
C ASP D 787 13.66 9.55 5.83
N GLY D 788 12.36 9.82 5.78
CA GLY D 788 11.84 10.71 4.75
C GLY D 788 12.51 12.05 4.90
N SER D 789 12.67 12.47 6.15
CA SER D 789 13.31 13.74 6.44
C SER D 789 14.78 13.59 6.05
N HIS D 790 15.32 12.42 6.33
CA HIS D 790 16.71 12.11 6.00
C HIS D 790 16.91 12.09 4.49
N LEU D 791 15.88 11.62 3.79
CA LEU D 791 15.90 11.56 2.35
C LEU D 791 15.84 12.99 1.80
N ARG D 792 14.97 13.80 2.40
CA ARG D 792 14.82 15.18 1.98
C ARG D 792 16.04 16.01 2.35
N LYS D 793 16.58 15.79 3.56
CA LYS D 793 17.75 16.50 4.05
C LYS D 793 18.97 16.24 3.15
N THR D 794 19.06 15.02 2.64
CA THR D 794 20.14 14.59 1.76
C THR D 794 20.03 15.17 0.35
N VAL D 795 18.80 15.27 -0.17
CA VAL D 795 18.58 15.83 -1.50
C VAL D 795 18.98 17.31 -1.47
N VAL D 796 18.59 18.02 -0.42
CA VAL D 796 18.91 19.43 -0.29
C VAL D 796 20.41 19.60 -0.06
N TRP D 797 20.94 18.76 0.82
CA TRP D 797 22.36 18.81 1.15
C TRP D 797 23.21 18.49 -0.08
N ALA D 798 22.90 17.39 -0.76
CA ALA D 798 23.65 17.00 -1.93
C ALA D 798 23.63 18.07 -3.03
N HIS D 799 22.50 18.78 -3.13
CA HIS D 799 22.29 19.80 -4.14
C HIS D 799 23.00 21.14 -3.87
N GLU D 800 22.88 21.63 -2.65
CA GLU D 800 23.49 22.91 -2.28
C GLU D 800 24.99 22.84 -1.96
N LYS D 801 25.45 21.70 -1.45
CA LYS D 801 26.85 21.54 -1.10
C LYS D 801 27.65 20.82 -2.19
N TYR D 802 26.96 20.07 -3.04
CA TYR D 802 27.66 19.33 -4.08
C TYR D 802 27.20 19.61 -5.48
N GLY D 803 26.14 20.43 -5.60
CA GLY D 803 25.62 20.79 -6.90
C GLY D 803 25.00 19.66 -7.68
N ILE D 804 24.33 18.75 -7.00
CA ILE D 804 23.70 17.63 -7.67
C ILE D 804 22.31 18.04 -8.18
N GLU D 805 22.03 17.74 -9.44
CA GLU D 805 20.74 18.09 -10.02
C GLU D 805 19.84 16.88 -10.24
N SER D 806 20.45 15.72 -10.49
CA SER D 806 19.70 14.51 -10.76
C SER D 806 19.61 13.61 -9.55
N PHE D 807 18.39 13.20 -9.24
CA PHE D 807 18.18 12.34 -8.09
C PHE D 807 17.19 11.22 -8.41
N ALA D 808 17.55 10.01 -7.99
CA ALA D 808 16.72 8.85 -8.16
C ALA D 808 16.48 8.49 -6.71
N LEU D 809 15.30 8.86 -6.22
CA LEU D 809 14.93 8.63 -4.82
C LEU D 809 13.89 7.52 -4.67
N ILE D 810 14.08 6.67 -3.66
CA ILE D 810 13.13 5.61 -3.39
C ILE D 810 13.00 5.32 -1.90
N HIS D 811 12.74 6.38 -1.12
CA HIS D 811 12.58 6.29 0.32
C HIS D 811 13.91 6.14 1.06
N ASP D 812 14.49 4.95 1.04
CA ASP D 812 15.79 4.77 1.69
C ASP D 812 16.84 4.36 0.67
N SER D 813 16.59 4.76 -0.58
CA SER D 813 17.49 4.50 -1.71
C SER D 813 17.81 5.84 -2.36
N PHE D 814 19.10 6.15 -2.51
CA PHE D 814 19.55 7.42 -3.10
C PHE D 814 20.36 7.19 -4.38
N GLY D 815 19.95 7.86 -5.46
CA GLY D 815 20.64 7.68 -6.73
C GLY D 815 20.93 8.90 -7.59
N THR D 816 21.98 8.79 -8.40
CA THR D 816 22.40 9.85 -9.31
C THR D 816 23.11 9.23 -10.51
N ILE D 817 23.76 10.08 -11.28
CA ILE D 817 24.53 9.66 -12.42
C ILE D 817 25.92 9.33 -11.85
N PRO D 818 26.63 8.37 -12.49
CA PRO D 818 27.97 7.93 -12.08
C PRO D 818 28.93 9.03 -11.64
N ALA D 819 28.97 10.13 -12.39
CA ALA D 819 29.86 11.24 -12.07
C ALA D 819 29.56 11.90 -10.73
N ASP D 820 28.34 11.77 -10.21
CA ASP D 820 28.01 12.40 -8.93
C ASP D 820 27.81 11.40 -7.78
N ALA D 821 27.91 10.09 -8.09
CA ALA D 821 27.73 9.01 -7.09
C ALA D 821 28.62 9.20 -5.87
N ALA D 822 29.89 9.54 -6.11
CA ALA D 822 30.85 9.75 -5.03
C ALA D 822 30.29 10.75 -4.03
N ASN D 823 29.76 11.85 -4.52
CA ASN D 823 29.21 12.88 -3.66
C ASN D 823 27.89 12.53 -3.00
N LEU D 824 27.08 11.71 -3.66
CA LEU D 824 25.81 11.33 -3.06
C LEU D 824 26.18 10.35 -1.94
N PHE D 825 27.24 9.57 -2.17
CA PHE D 825 27.76 8.59 -1.23
C PHE D 825 28.15 9.30 0.05
N LYS D 826 28.66 10.52 -0.07
CA LYS D 826 29.04 11.32 1.08
C LYS D 826 27.84 12.11 1.61
N ALA D 827 27.11 12.77 0.71
CA ALA D 827 25.95 13.57 1.10
C ALA D 827 25.15 12.69 2.06
N VAL D 828 24.60 11.59 1.56
CA VAL D 828 23.90 10.69 2.46
C VAL D 828 25.08 10.33 3.35
N ARG D 829 24.84 10.21 4.65
CA ARG D 829 25.90 9.93 5.64
C ARG D 829 26.18 11.23 6.35
N GLU D 830 26.66 12.22 5.61
CA GLU D 830 26.93 13.52 6.21
C GLU D 830 25.63 14.00 6.86
N THR D 831 24.53 13.77 6.15
CA THR D 831 23.20 14.13 6.60
C THR D 831 22.77 13.23 7.75
N MET D 832 23.01 11.94 7.59
CA MET D 832 22.66 10.98 8.62
C MET D 832 23.30 11.49 9.91
N VAL D 833 24.60 11.71 9.87
CA VAL D 833 25.40 12.20 10.99
C VAL D 833 24.99 13.56 11.56
N ASP D 834 25.04 14.61 10.74
CA ASP D 834 24.68 15.95 11.21
C ASP D 834 23.28 15.98 11.81
N THR D 835 22.39 15.17 11.27
CA THR D 835 21.00 15.14 11.74
C THR D 835 20.83 14.62 13.17
N TYR D 836 21.29 13.40 13.41
CA TYR D 836 21.18 12.75 14.72
C TYR D 836 22.20 13.24 15.73
N GLU D 837 23.06 14.16 15.30
CA GLU D 837 24.09 14.72 16.16
C GLU D 837 23.66 16.13 16.59
N SER D 838 22.83 16.76 15.77
CA SER D 838 22.32 18.11 16.05
C SER D 838 21.06 18.08 16.90
N CYS D 839 20.29 17.01 16.84
CA CYS D 839 19.06 16.95 17.64
C CYS D 839 18.65 15.56 18.13
N ASP D 840 18.03 15.53 19.30
CA ASP D 840 17.56 14.28 19.89
C ASP D 840 16.07 14.10 19.57
N VAL D 841 15.81 13.40 18.47
CA VAL D 841 14.47 13.16 17.98
C VAL D 841 13.50 12.57 18.99
N LEU D 842 14.00 11.80 19.95
CA LEU D 842 13.12 11.22 20.96
C LEU D 842 12.89 12.21 22.11
N ALA D 843 13.93 12.98 22.44
CA ALA D 843 13.81 13.96 23.50
C ALA D 843 12.95 15.12 22.99
N ASP D 844 13.10 15.45 21.72
CA ASP D 844 12.31 16.52 21.11
C ASP D 844 10.86 16.09 21.02
N PHE D 845 10.65 14.80 20.80
CA PHE D 845 9.31 14.23 20.69
C PHE D 845 8.64 14.38 22.03
N TYR D 846 9.38 14.02 23.09
CA TYR D 846 8.83 14.11 24.42
C TYR D 846 8.38 15.54 24.68
N ASP D 847 9.30 16.48 24.53
CA ASP D 847 9.00 17.89 24.74
C ASP D 847 7.78 18.34 23.96
N GLN D 848 7.41 17.57 22.94
CA GLN D 848 6.28 17.89 22.08
C GLN D 848 4.90 17.56 22.67
N PHE D 849 4.83 16.57 23.54
CA PHE D 849 3.57 16.20 24.16
C PHE D 849 3.69 16.27 25.68
N ALA D 850 4.93 16.41 26.16
CA ALA D 850 5.21 16.50 27.59
C ALA D 850 4.35 17.54 28.31
N ASP D 851 4.70 18.81 28.15
CA ASP D 851 3.96 19.89 28.79
C ASP D 851 2.56 19.97 28.19
N GLN D 852 2.46 19.73 26.89
CA GLN D 852 1.17 19.76 26.20
C GLN D 852 0.33 18.58 26.66
N LEU D 853 -0.96 18.60 26.35
CA LEU D 853 -1.90 17.55 26.72
C LEU D 853 -1.21 16.26 27.13
N HIS D 854 -1.17 15.98 28.43
CA HIS D 854 -0.53 14.77 28.90
C HIS D 854 -0.73 14.42 30.37
N GLU D 855 -1.05 15.41 31.21
CA GLU D 855 -1.21 15.13 32.63
C GLU D 855 -2.57 14.57 33.04
N SER D 856 -2.99 14.92 34.26
CA SER D 856 -4.24 14.46 34.83
C SER D 856 -4.03 13.02 35.29
N GLN D 857 -2.90 12.80 35.97
CA GLN D 857 -2.47 11.49 36.49
C GLN D 857 -1.35 10.88 35.65
N LEU D 858 -1.53 10.92 34.34
CA LEU D 858 -0.58 10.37 33.40
C LEU D 858 0.89 10.71 33.64
N ASP D 859 1.64 9.70 34.02
CA ASP D 859 3.07 9.86 34.25
C ASP D 859 3.75 8.52 34.49
N LYS D 860 3.25 7.51 33.80
CA LYS D 860 3.79 6.16 33.88
C LYS D 860 4.71 6.07 32.66
N MET D 861 4.99 7.24 32.08
CA MET D 861 5.82 7.38 30.90
C MET D 861 7.26 6.89 31.06
N PRO D 862 7.57 5.69 30.54
CA PRO D 862 8.93 5.15 30.66
C PRO D 862 9.95 6.20 30.24
N ALA D 863 11.10 6.21 30.91
CA ALA D 863 12.15 7.19 30.61
C ALA D 863 12.76 6.98 29.23
N LEU D 864 13.24 8.08 28.64
CA LEU D 864 13.88 8.03 27.32
C LEU D 864 15.01 7.01 27.41
N PRO D 865 15.14 6.16 26.39
CA PRO D 865 16.20 5.14 26.40
C PRO D 865 17.58 5.74 26.61
N ALA D 866 18.43 5.01 27.32
CA ALA D 866 19.81 5.43 27.59
C ALA D 866 20.58 5.38 26.28
N LYS D 867 21.40 6.41 26.04
CA LYS D 867 22.18 6.48 24.81
C LYS D 867 23.31 5.45 24.73
N GLY D 868 23.60 4.99 23.51
CA GLY D 868 24.66 4.01 23.31
C GLY D 868 26.04 4.62 23.18
N ASN D 869 27.03 3.80 22.81
CA ASN D 869 28.41 4.27 22.67
C ASN D 869 28.81 4.46 21.20
N LEU D 870 27.82 4.35 20.31
CA LEU D 870 28.08 4.50 18.88
C LEU D 870 28.56 5.91 18.54
N ASN D 871 29.62 5.99 17.74
CA ASN D 871 30.17 7.27 17.31
C ASN D 871 29.63 7.60 15.92
N LEU D 872 28.49 8.28 15.90
CA LEU D 872 27.83 8.67 14.66
C LEU D 872 28.79 9.09 13.54
N ARG D 873 29.75 9.95 13.87
CA ARG D 873 30.72 10.42 12.87
C ARG D 873 31.36 9.29 12.07
N ASP D 874 31.30 8.09 12.63
CA ASP D 874 31.88 6.92 11.97
C ASP D 874 31.16 6.56 10.68
N ILE D 875 29.84 6.80 10.65
CA ILE D 875 29.02 6.51 9.48
C ILE D 875 29.70 7.07 8.22
N LEU D 876 30.41 8.18 8.39
CA LEU D 876 31.13 8.85 7.31
C LEU D 876 32.21 7.92 6.76
N GLU D 877 32.70 7.03 7.61
CA GLU D 877 33.75 6.09 7.22
C GLU D 877 33.18 4.72 6.88
N SER D 878 31.88 4.56 7.07
CA SER D 878 31.22 3.29 6.77
C SER D 878 30.96 3.12 5.27
N ASP D 879 31.52 2.08 4.68
CA ASP D 879 31.35 1.80 3.25
C ASP D 879 30.01 1.15 2.91
N PHE D 880 29.50 0.35 3.84
CA PHE D 880 28.26 -0.37 3.62
C PHE D 880 26.98 0.29 4.11
N ALA D 881 27.13 1.37 4.84
CA ALA D 881 25.99 2.10 5.37
C ALA D 881 25.09 2.61 4.24
N PHE D 882 25.68 3.37 3.32
CA PHE D 882 24.95 3.95 2.19
C PHE D 882 24.02 5.05 2.71
N ALA D 883 22.74 4.71 2.88
CA ALA D 883 21.74 5.65 3.37
C ALA D 883 22.10 6.06 4.79
PG APC E . 16.89 -5.80 1.95
O1G APC E . 16.83 -5.11 0.64
O2G APC E . 18.21 -6.13 2.55
O3G APC E . 15.99 -7.12 1.90
PB APC E . 15.78 -3.35 3.24
O1B APC E . 15.74 -3.20 4.70
O2B APC E . 16.78 -2.58 2.46
O3B APC E . 15.99 -4.94 3.00
PA APC E . 13.17 -2.52 1.72
O1A APC E . 12.27 -3.63 1.37
O2A APC E . 14.20 -2.06 0.74
C3A APC E . 14.19 -2.96 2.98
O5' APC E . 12.26 -1.28 2.10
C5' APC E . 12.79 0.05 2.24
C4' APC E . 12.41 0.62 3.59
O4' APC E . 10.96 0.72 3.67
C3' APC E . 12.80 -0.23 4.78
O3' APC E . 14.12 -0.20 5.16
C2' APC E . 11.81 0.22 5.84
O2' APC E . 12.24 1.37 6.65
C1' APC E . 10.55 0.47 5.01
N9 APC E . 9.55 -0.54 4.99
C8 APC E . 9.65 -1.39 3.91
N7 APC E . 8.85 -2.43 3.99
C5 APC E . 8.17 -2.24 5.18
C6 APC E . 7.19 -3.00 5.84
N6 APC E . 6.72 -4.16 5.39
N1 APC E . 6.72 -2.53 7.02
C2 APC E . 7.19 -1.38 7.49
N3 APC E . 8.12 -0.57 6.96
C4 APC E . 8.57 -1.07 5.80
MG MG F . 16.89 -0.77 1.67
MG MG G . 15.39 -0.05 -0.46
#